data_7EHP
#
_entry.id   7EHP
#
_cell.length_a   195.965
_cell.length_b   49.798
_cell.length_c   77.865
_cell.angle_alpha   90.000
_cell.angle_beta   107.120
_cell.angle_gamma   90.000
#
_symmetry.space_group_name_H-M   'C 1 2 1'
#
loop_
_entity.id
_entity.type
_entity.pdbx_description
1 polymer 'chitin oligosaccahride binding protein NagB1'
2 branched 2-acetamido-2-deoxy-beta-D-glucopyranose-(1-4)-2-acetamido-2-deoxy-beta-D-glucopyranose
3 water water
#
_entity_poly.entity_id   1
_entity_poly.type   'polypeptide(L)'
_entity_poly.pdbx_seq_one_letter_code
;MTVSLRHTQVRDDVRLRLKMLEDIAQRMEAAVPGLRVELEGVEDKVNRFEKLPAEMAAGNPPKIFDLFGGTDTAKYVKAG
RLLELTPILNELGLKDKFPNLQEFTVDGKIYGLPTAYFVEGVFYNKQIFKQLNVDVPRRWEDLMDVAAKAKASGFVPFAF
ASSDGWVANMMLNTLWVRTAGDDSVPGFVRGTRRWTDPDVADGFKRYDTLLKKGYLQEGSLGQKYAEQQYAFREGRAAMM
FDGSWASAALVDAGKTKIAEDIGFFSFPDVGGKGDGMINGGYSNGYGFSASLNEREKKAAVEFIKIMYSEEMQKRQLKES
GILPAMKLSDLSGVHPVIREMIQASELRQFPAFDSIVQAKVRETLEMCMQELIGGRMTVEQVLDKMQKVQEDANRDMKKL
EHHHHHH
;
_entity_poly.pdbx_strand_id   A,B
#
# COMPACT_ATOMS: atom_id res chain seq x y z
N THR A 2 -10.08 -45.84 -18.84
CA THR A 2 -10.97 -45.84 -20.00
C THR A 2 -11.72 -44.52 -20.12
N VAL A 3 -12.05 -43.88 -18.99
CA VAL A 3 -12.35 -42.46 -18.94
C VAL A 3 -11.16 -41.76 -18.30
N SER A 4 -10.43 -40.97 -19.07
CA SER A 4 -9.17 -40.39 -18.61
C SER A 4 -9.42 -39.12 -17.81
N LEU A 5 -8.68 -39.00 -16.71
CA LEU A 5 -8.79 -37.85 -15.80
C LEU A 5 -7.36 -37.32 -15.63
N ARG A 6 -7.04 -36.24 -16.34
CA ARG A 6 -5.70 -35.66 -16.27
C ARG A 6 -5.62 -34.64 -15.13
N HIS A 7 -4.67 -34.82 -14.23
CA HIS A 7 -4.48 -33.92 -13.11
C HIS A 7 -3.00 -33.63 -12.94
N THR A 8 -2.68 -32.64 -12.12
CA THR A 8 -1.29 -32.26 -11.88
C THR A 8 -0.85 -32.52 -10.46
N GLN A 9 -1.60 -33.31 -9.69
CA GLN A 9 -1.28 -33.51 -8.27
C GLN A 9 -0.28 -34.67 -8.13
N VAL A 10 0.97 -34.39 -8.50
CA VAL A 10 1.95 -35.45 -8.65
C VAL A 10 2.98 -35.49 -7.52
N ARG A 11 3.15 -34.41 -6.77
CA ARG A 11 4.13 -34.36 -5.68
C ARG A 11 3.65 -35.17 -4.48
N ASP A 12 4.60 -35.86 -3.81
CA ASP A 12 4.25 -36.55 -2.57
C ASP A 12 3.68 -35.58 -1.55
N ASP A 13 4.21 -34.35 -1.50
CA ASP A 13 3.69 -33.37 -0.55
C ASP A 13 2.19 -33.10 -0.75
N VAL A 14 1.66 -33.21 -1.98
CA VAL A 14 0.23 -32.95 -2.18
C VAL A 14 -0.57 -34.26 -2.24
N ARG A 15 -0.09 -35.29 -1.53
CA ARG A 15 -0.74 -36.59 -1.55
C ARG A 15 -2.22 -36.51 -1.16
N LEU A 16 -2.57 -35.69 -0.17
CA LEU A 16 -3.98 -35.61 0.22
C LEU A 16 -4.86 -35.14 -0.93
N ARG A 17 -4.34 -34.23 -1.77
CA ARG A 17 -5.12 -33.76 -2.92
C ARG A 17 -5.32 -34.89 -3.94
N LEU A 18 -4.31 -35.74 -4.15
CA LEU A 18 -4.49 -36.87 -5.06
C LEU A 18 -5.43 -37.91 -4.45
N LYS A 19 -5.27 -38.19 -3.16
CA LYS A 19 -6.17 -39.11 -2.47
C LYS A 19 -7.62 -38.66 -2.62
N MET A 20 -7.87 -37.34 -2.59
CA MET A 20 -9.23 -36.86 -2.82
C MET A 20 -9.67 -37.16 -4.24
N LEU A 21 -8.78 -36.96 -5.22
CA LEU A 21 -9.11 -37.35 -6.59
C LEU A 21 -9.44 -38.83 -6.70
N GLU A 22 -8.68 -39.67 -5.99
CA GLU A 22 -8.95 -41.11 -6.02
C GLU A 22 -10.29 -41.44 -5.37
N ASP A 23 -10.66 -40.73 -4.30
CA ASP A 23 -11.98 -40.92 -3.71
C ASP A 23 -13.07 -40.54 -4.70
N ILE A 24 -12.90 -39.38 -5.36
CA ILE A 24 -13.85 -38.95 -6.38
C ILE A 24 -13.94 -40.00 -7.49
N ALA A 25 -12.82 -40.60 -7.86
CA ALA A 25 -12.82 -41.57 -8.96
C ALA A 25 -13.62 -42.83 -8.61
N GLN A 26 -13.34 -43.53 -7.47
CA GLN A 26 -14.31 -44.54 -7.01
C GLN A 26 -15.75 -44.07 -6.97
N ARG A 27 -16.05 -42.86 -6.48
CA ARG A 27 -17.47 -42.55 -6.36
C ARG A 27 -18.10 -42.44 -7.74
N MET A 28 -17.35 -41.92 -8.71
CA MET A 28 -17.82 -41.92 -10.08
C MET A 28 -18.05 -43.35 -10.57
N GLU A 29 -17.13 -44.26 -10.24
CA GLU A 29 -17.26 -45.63 -10.72
C GLU A 29 -18.48 -46.31 -10.10
N ALA A 30 -18.74 -46.07 -8.82
CA ALA A 30 -19.92 -46.63 -8.16
C ALA A 30 -21.20 -46.08 -8.75
N ALA A 31 -21.19 -44.85 -9.24
CA ALA A 31 -22.38 -44.23 -9.81
C ALA A 31 -22.68 -44.74 -11.21
N VAL A 32 -21.66 -45.08 -11.98
CA VAL A 32 -21.77 -45.44 -13.38
C VAL A 32 -21.26 -46.87 -13.54
N PRO A 33 -22.15 -47.86 -13.57
CA PRO A 33 -21.69 -49.25 -13.67
C PRO A 33 -20.83 -49.49 -14.91
N GLY A 34 -19.83 -50.36 -14.77
CA GLY A 34 -18.87 -50.56 -15.84
C GLY A 34 -17.88 -49.42 -16.07
N LEU A 35 -18.03 -48.29 -15.38
CA LEU A 35 -17.08 -47.18 -15.54
C LEU A 35 -15.73 -47.53 -14.92
N ARG A 36 -14.66 -47.20 -15.64
CA ARG A 36 -13.31 -47.35 -15.13
C ARG A 36 -12.60 -46.01 -15.32
N VAL A 37 -12.25 -45.34 -14.22
CA VAL A 37 -11.61 -44.03 -14.28
C VAL A 37 -10.11 -44.22 -14.19
N GLU A 38 -9.38 -43.55 -15.06
CA GLU A 38 -7.95 -43.79 -15.24
C GLU A 38 -7.28 -42.43 -14.98
N LEU A 39 -6.84 -42.24 -13.73
CA LEU A 39 -6.14 -41.03 -13.35
C LEU A 39 -4.76 -41.01 -13.99
N GLU A 40 -4.35 -39.84 -14.51
CA GLU A 40 -3.02 -39.65 -15.07
C GLU A 40 -2.49 -38.33 -14.53
N GLY A 41 -1.44 -38.39 -13.72
CA GLY A 41 -0.83 -37.18 -13.19
C GLY A 41 0.34 -36.74 -14.05
N VAL A 42 0.33 -35.47 -14.44
CA VAL A 42 1.40 -34.88 -15.23
C VAL A 42 1.81 -33.59 -14.53
N GLU A 43 3.12 -33.41 -14.35
CA GLU A 43 3.62 -32.22 -13.69
C GLU A 43 3.02 -30.96 -14.30
N ASP A 44 2.64 -30.02 -13.43
CA ASP A 44 1.92 -28.81 -13.77
C ASP A 44 2.40 -28.12 -15.06
N LYS A 45 3.66 -27.68 -15.08
CA LYS A 45 4.17 -26.96 -16.25
C LYS A 45 4.24 -27.86 -17.48
N VAL A 46 4.48 -29.16 -17.29
CA VAL A 46 4.49 -30.06 -18.43
C VAL A 46 3.07 -30.20 -18.99
N ASN A 47 2.09 -30.43 -18.11
CA ASN A 47 0.70 -30.53 -18.57
C ASN A 47 0.26 -29.27 -19.29
N ARG A 48 0.45 -28.11 -18.64
CA ARG A 48 -0.20 -26.89 -19.11
C ARG A 48 0.48 -26.34 -20.35
N PHE A 49 1.81 -26.38 -20.40
CA PHE A 49 2.56 -25.66 -21.40
C PHE A 49 3.07 -26.53 -22.55
N GLU A 50 2.99 -27.87 -22.44
CA GLU A 50 3.43 -28.73 -23.51
C GLU A 50 2.45 -29.86 -23.84
N LYS A 51 2.16 -30.73 -22.87
CA LYS A 51 1.39 -31.95 -23.14
C LYS A 51 -0.01 -31.62 -23.63
N LEU A 52 -0.78 -30.88 -22.81
CA LEU A 52 -2.19 -30.58 -23.12
C LEU A 52 -2.34 -29.70 -24.37
N PRO A 53 -1.52 -28.64 -24.55
CA PRO A 53 -1.60 -27.91 -25.83
C PRO A 53 -1.41 -28.80 -27.03
N ALA A 54 -0.49 -29.77 -26.95
CA ALA A 54 -0.27 -30.68 -28.07
C ALA A 54 -1.51 -31.54 -28.31
N GLU A 55 -2.03 -32.15 -27.24
CA GLU A 55 -3.24 -32.98 -27.37
C GLU A 55 -4.42 -32.17 -27.91
N MET A 56 -4.53 -30.92 -27.49
CA MET A 56 -5.61 -30.08 -28.00
C MET A 56 -5.46 -29.84 -29.49
N ALA A 57 -4.22 -29.60 -29.95
CA ALA A 57 -4.03 -29.33 -31.37
C ALA A 57 -4.36 -30.55 -32.22
N ALA A 58 -4.00 -31.74 -31.75
CA ALA A 58 -4.27 -32.99 -32.45
C ALA A 58 -5.70 -33.44 -32.28
N GLY A 59 -6.45 -32.86 -31.34
CA GLY A 59 -7.83 -33.20 -31.12
C GLY A 59 -8.08 -34.42 -30.25
N ASN A 60 -7.10 -34.87 -29.47
CA ASN A 60 -7.28 -36.00 -28.56
C ASN A 60 -6.90 -35.66 -27.12
N PRO A 61 -7.54 -34.64 -26.52
CA PRO A 61 -7.28 -34.33 -25.12
C PRO A 61 -7.87 -35.41 -24.22
N PRO A 62 -7.49 -35.45 -22.94
CA PRO A 62 -8.15 -36.38 -22.02
C PRO A 62 -9.62 -36.05 -21.94
N LYS A 63 -10.39 -36.93 -21.29
CA LYS A 63 -11.83 -36.64 -21.17
C LYS A 63 -12.08 -35.60 -20.10
N ILE A 64 -11.31 -35.63 -19.01
CA ILE A 64 -11.36 -34.63 -17.94
C ILE A 64 -9.91 -34.19 -17.71
N PHE A 65 -9.68 -32.88 -17.59
CA PHE A 65 -8.29 -32.42 -17.56
C PHE A 65 -8.11 -31.13 -16.77
N ASP A 66 -7.02 -31.06 -16.03
CA ASP A 66 -6.61 -29.82 -15.39
C ASP A 66 -6.48 -28.73 -16.44
N LEU A 67 -7.25 -27.65 -16.28
CA LEU A 67 -7.37 -26.61 -17.29
C LEU A 67 -7.28 -25.24 -16.64
N PHE A 68 -6.66 -24.26 -17.33
CA PHE A 68 -6.58 -22.88 -16.86
C PHE A 68 -7.52 -21.99 -17.67
N GLY A 69 -8.18 -21.06 -16.99
CA GLY A 69 -9.00 -20.08 -17.65
C GLY A 69 -8.18 -19.02 -18.35
N GLY A 70 -8.90 -18.06 -18.92
CA GLY A 70 -8.23 -17.02 -19.70
C GLY A 70 -7.73 -17.57 -21.02
N THR A 71 -6.48 -17.23 -21.32
CA THR A 71 -5.85 -17.51 -22.62
C THR A 71 -5.99 -18.97 -23.04
N ASP A 72 -5.71 -19.90 -22.14
CA ASP A 72 -5.75 -21.31 -22.51
C ASP A 72 -7.16 -21.76 -22.88
N THR A 73 -8.13 -21.45 -22.02
CA THR A 73 -9.52 -21.83 -22.30
C THR A 73 -10.02 -21.19 -23.59
N ALA A 74 -9.75 -19.88 -23.74
CA ALA A 74 -10.16 -19.16 -24.95
C ALA A 74 -9.60 -19.82 -26.21
N LYS A 75 -8.35 -20.29 -26.15
CA LYS A 75 -7.75 -20.94 -27.30
C LYS A 75 -8.43 -22.26 -27.62
N TYR A 76 -8.79 -23.04 -26.59
CA TYR A 76 -9.36 -24.35 -26.88
C TYR A 76 -10.85 -24.25 -27.19
N VAL A 77 -11.54 -23.31 -26.58
CA VAL A 77 -12.89 -22.97 -27.02
C VAL A 77 -12.88 -22.63 -28.49
N LYS A 78 -11.94 -21.77 -28.95
CA LYS A 78 -12.24 -21.31 -30.29
C LYS A 78 -11.93 -22.38 -31.30
N ALA A 79 -11.19 -23.40 -30.88
CA ALA A 79 -10.88 -24.59 -31.65
C ALA A 79 -11.92 -25.67 -31.47
N GLY A 80 -12.99 -25.43 -30.71
CA GLY A 80 -14.06 -26.41 -30.58
C GLY A 80 -13.76 -27.62 -29.73
N ARG A 81 -12.81 -27.50 -28.79
CA ARG A 81 -12.33 -28.66 -28.06
C ARG A 81 -13.03 -28.88 -26.72
N LEU A 82 -13.77 -27.90 -26.21
CA LEU A 82 -14.23 -27.92 -24.84
C LEU A 82 -15.73 -28.07 -24.79
N LEU A 83 -16.19 -29.00 -23.96
CA LEU A 83 -17.61 -29.16 -23.71
C LEU A 83 -18.20 -27.92 -23.03
N GLU A 84 -19.30 -27.41 -23.56
CA GLU A 84 -20.01 -26.30 -22.92
C GLU A 84 -20.83 -26.83 -21.76
N LEU A 85 -20.77 -26.12 -20.62
CA LEU A 85 -21.21 -26.67 -19.34
C LEU A 85 -22.50 -26.09 -18.80
N THR A 86 -23.17 -25.22 -19.54
CA THR A 86 -24.37 -24.60 -18.98
C THR A 86 -25.54 -25.57 -18.82
N PRO A 87 -25.83 -26.48 -19.77
CA PRO A 87 -26.89 -27.46 -19.50
C PRO A 87 -26.63 -28.27 -18.24
N ILE A 88 -25.39 -28.72 -18.04
CA ILE A 88 -25.04 -29.52 -16.87
C ILE A 88 -25.13 -28.70 -15.60
N LEU A 89 -24.69 -27.45 -15.64
CA LEU A 89 -24.75 -26.63 -14.44
C LEU A 89 -26.17 -26.37 -14.00
N ASN A 90 -27.09 -26.25 -14.97
CA ASN A 90 -28.50 -26.05 -14.67
C ASN A 90 -29.11 -27.30 -14.04
N GLU A 91 -28.85 -28.47 -14.65
CA GLU A 91 -29.32 -29.75 -14.12
C GLU A 91 -28.98 -29.89 -12.64
N LEU A 92 -27.71 -29.62 -12.29
CA LEU A 92 -27.18 -29.88 -10.97
C LEU A 92 -27.42 -28.74 -9.99
N GLY A 93 -27.98 -27.63 -10.45
CA GLY A 93 -28.25 -26.49 -9.58
C GLY A 93 -27.01 -25.81 -9.06
N LEU A 94 -25.95 -25.80 -9.84
CA LEU A 94 -24.65 -25.34 -9.32
C LEU A 94 -24.26 -23.96 -9.79
N LYS A 95 -24.84 -23.48 -10.89
CA LYS A 95 -24.27 -22.34 -11.62
C LYS A 95 -24.06 -21.15 -10.70
N ASP A 96 -25.04 -20.85 -9.88
CA ASP A 96 -25.00 -19.68 -9.02
C ASP A 96 -24.43 -19.99 -7.63
N LYS A 97 -23.76 -21.13 -7.47
CA LYS A 97 -22.93 -21.36 -6.31
C LYS A 97 -21.44 -21.07 -6.64
N PHE A 98 -21.15 -20.64 -7.88
CA PHE A 98 -19.83 -20.15 -8.29
C PHE A 98 -19.85 -18.61 -8.31
N PRO A 99 -19.18 -17.94 -7.38
CA PRO A 99 -19.16 -16.46 -7.44
C PRO A 99 -18.50 -15.91 -8.71
N ASN A 100 -17.67 -16.69 -9.41
CA ASN A 100 -16.87 -16.10 -10.48
C ASN A 100 -16.42 -17.20 -11.44
N LEU A 101 -17.02 -17.21 -12.64
CA LEU A 101 -16.61 -18.10 -13.72
C LEU A 101 -16.03 -17.32 -14.91
N GLN A 102 -15.61 -16.07 -14.70
CA GLN A 102 -15.29 -15.18 -15.82
C GLN A 102 -14.12 -15.71 -16.66
N GLU A 103 -13.10 -16.27 -16.01
CA GLU A 103 -11.97 -16.83 -16.78
C GLU A 103 -12.40 -18.00 -17.65
N PHE A 104 -13.52 -18.65 -17.34
CA PHE A 104 -14.00 -19.78 -18.10
C PHE A 104 -15.20 -19.46 -18.98
N THR A 105 -15.64 -18.20 -19.01
CA THR A 105 -16.79 -17.78 -19.81
C THR A 105 -16.31 -17.14 -21.10
N VAL A 106 -16.76 -17.69 -22.24
CA VAL A 106 -16.51 -17.13 -23.56
C VAL A 106 -17.87 -16.86 -24.22
N ASP A 107 -18.14 -15.58 -24.49
CA ASP A 107 -19.42 -15.16 -25.08
C ASP A 107 -20.59 -15.73 -24.28
N GLY A 108 -20.59 -15.45 -22.98
CA GLY A 108 -21.63 -15.91 -22.09
C GLY A 108 -21.73 -17.40 -21.88
N LYS A 109 -20.89 -18.21 -22.53
CA LYS A 109 -20.90 -19.67 -22.38
C LYS A 109 -19.71 -20.12 -21.53
N ILE A 110 -19.87 -21.28 -20.90
CA ILE A 110 -19.01 -21.72 -19.81
C ILE A 110 -18.30 -23.02 -20.21
N TYR A 111 -16.96 -23.04 -20.11
CA TYR A 111 -16.20 -24.18 -20.64
C TYR A 111 -15.21 -24.77 -19.64
N GLY A 112 -15.26 -24.35 -18.38
CA GLY A 112 -14.51 -25.02 -17.34
C GLY A 112 -15.03 -24.54 -16.01
N LEU A 113 -14.58 -25.22 -14.94
CA LEU A 113 -15.01 -24.89 -13.59
C LEU A 113 -13.79 -24.78 -12.69
N PRO A 114 -13.57 -23.65 -12.03
CA PRO A 114 -12.44 -23.53 -11.10
C PRO A 114 -12.70 -24.37 -9.87
N THR A 115 -11.67 -25.08 -9.41
CA THR A 115 -11.79 -25.85 -8.19
C THR A 115 -11.31 -25.08 -6.98
N ALA A 116 -10.63 -23.95 -7.19
CA ALA A 116 -10.04 -23.19 -6.10
C ALA A 116 -10.10 -21.71 -6.42
N TYR A 117 -10.10 -20.91 -5.36
CA TYR A 117 -9.69 -19.52 -5.42
C TYR A 117 -8.26 -19.40 -4.92
N PHE A 118 -7.44 -18.65 -5.62
CA PHE A 118 -6.04 -18.48 -5.22
C PHE A 118 -5.77 -17.03 -4.91
N VAL A 119 -4.81 -16.79 -4.01
CA VAL A 119 -4.07 -15.52 -3.93
C VAL A 119 -2.59 -15.85 -3.95
N GLU A 120 -1.78 -14.90 -4.40
CA GLU A 120 -0.33 -14.98 -4.31
C GLU A 120 0.16 -13.84 -3.45
N GLY A 121 1.05 -14.14 -2.51
CA GLY A 121 1.63 -13.09 -1.69
C GLY A 121 2.79 -13.68 -0.92
N VAL A 122 3.09 -13.10 0.23
CA VAL A 122 4.31 -13.42 0.97
C VAL A 122 3.92 -14.26 2.18
N PHE A 123 4.34 -15.52 2.16
CA PHE A 123 4.39 -16.31 3.38
C PHE A 123 5.54 -15.83 4.26
N TYR A 124 5.35 -15.83 5.58
CA TYR A 124 6.47 -15.44 6.42
C TYR A 124 6.50 -16.25 7.71
N ASN A 125 7.67 -16.26 8.33
CA ASN A 125 7.88 -16.99 9.57
C ASN A 125 7.78 -15.99 10.73
N LYS A 126 6.71 -16.10 11.52
CA LYS A 126 6.47 -15.20 12.63
C LYS A 126 7.58 -15.28 13.67
N GLN A 127 8.20 -16.45 13.83
CA GLN A 127 9.28 -16.57 14.83
C GLN A 127 10.59 -15.96 14.34
N ILE A 128 10.88 -16.02 13.04
CA ILE A 128 12.05 -15.34 12.52
C ILE A 128 11.86 -13.82 12.62
N PHE A 129 10.66 -13.33 12.29
CA PHE A 129 10.40 -11.90 12.43
C PHE A 129 10.56 -11.44 13.87
N LYS A 130 10.07 -12.22 14.83
CA LYS A 130 10.29 -11.92 16.24
C LYS A 130 11.77 -11.84 16.57
N GLN A 131 12.53 -12.82 16.09
CA GLN A 131 13.96 -12.86 16.37
C GLN A 131 14.67 -11.62 15.82
N LEU A 132 14.30 -11.20 14.60
CA LEU A 132 14.88 -10.02 13.99
C LEU A 132 14.30 -8.72 14.53
N ASN A 133 13.23 -8.79 15.33
CA ASN A 133 12.55 -7.63 15.87
C ASN A 133 12.06 -6.71 14.76
N VAL A 134 11.28 -7.29 13.84
CA VAL A 134 10.65 -6.57 12.75
C VAL A 134 9.16 -6.90 12.70
N ASP A 135 8.34 -5.91 12.34
CA ASP A 135 6.93 -6.08 12.08
C ASP A 135 6.73 -6.51 10.63
N VAL A 136 5.47 -6.78 10.28
CA VAL A 136 5.12 -7.09 8.89
C VAL A 136 5.38 -5.85 8.04
N PRO A 137 6.11 -5.97 6.92
CA PRO A 137 6.45 -4.77 6.13
C PRO A 137 5.29 -4.38 5.24
N ARG A 138 4.85 -3.13 5.35
CA ARG A 138 3.72 -2.67 4.56
CA ARG A 138 3.72 -2.67 4.55
C ARG A 138 4.12 -1.84 3.35
N ARG A 139 5.37 -1.38 3.26
CA ARG A 139 5.79 -0.63 2.09
C ARG A 139 7.20 -1.07 1.74
N TRP A 140 7.70 -0.60 0.59
CA TRP A 140 8.98 -1.08 0.06
C TRP A 140 10.11 -0.87 1.06
N GLU A 141 10.20 0.34 1.64
CA GLU A 141 11.34 0.61 2.51
C GLU A 141 11.30 -0.25 3.76
N ASP A 142 10.11 -0.63 4.23
CA ASP A 142 10.03 -1.63 5.30
C ASP A 142 10.61 -2.96 4.84
N LEU A 143 10.22 -3.39 3.64
CA LEU A 143 10.67 -4.69 3.12
C LEU A 143 12.19 -4.75 3.06
N MET A 144 12.82 -3.67 2.59
CA MET A 144 14.28 -3.61 2.49
C MET A 144 14.93 -3.80 3.86
N ASP A 145 14.36 -3.17 4.89
CA ASP A 145 14.87 -3.33 6.25
C ASP A 145 14.73 -4.78 6.74
N VAL A 146 13.54 -5.36 6.52
CA VAL A 146 13.31 -6.76 6.92
C VAL A 146 14.29 -7.68 6.23
N ALA A 147 14.45 -7.51 4.91
CA ALA A 147 15.33 -8.37 4.14
C ALA A 147 16.79 -8.22 4.56
N ALA A 148 17.23 -6.96 4.78
CA ALA A 148 18.60 -6.71 5.22
C ALA A 148 18.88 -7.33 6.58
N LYS A 149 17.94 -7.22 7.53
CA LYS A 149 18.11 -7.83 8.84
C LYS A 149 18.05 -9.35 8.75
N ALA A 150 17.13 -9.88 7.95
CA ALA A 150 17.06 -11.34 7.77
C ALA A 150 18.39 -11.86 7.27
N LYS A 151 18.93 -11.23 6.23
CA LYS A 151 20.20 -11.68 5.65
C LYS A 151 21.34 -11.52 6.63
N ALA A 152 21.35 -10.41 7.37
CA ALA A 152 22.42 -10.20 8.34
C ALA A 152 22.46 -11.33 9.37
N SER A 153 21.30 -11.89 9.71
CA SER A 153 21.22 -12.93 10.72
C SER A 153 21.41 -14.34 10.15
N GLY A 154 21.76 -14.46 8.88
CA GLY A 154 21.92 -15.76 8.26
C GLY A 154 20.67 -16.36 7.66
N PHE A 155 19.58 -15.62 7.57
CA PHE A 155 18.37 -16.12 6.92
C PHE A 155 18.36 -15.69 5.45
N VAL A 156 17.86 -16.57 4.60
CA VAL A 156 17.51 -16.15 3.25
C VAL A 156 16.28 -15.25 3.35
N PRO A 157 16.31 -14.04 2.79
CA PRO A 157 15.11 -13.19 2.87
C PRO A 157 13.90 -13.83 2.17
N PHE A 158 14.02 -14.16 0.89
CA PHE A 158 12.93 -14.77 0.12
C PHE A 158 13.41 -16.13 -0.35
N ALA A 159 12.86 -17.20 0.23
CA ALA A 159 13.02 -18.53 -0.37
C ALA A 159 12.54 -18.47 -1.81
N PHE A 160 13.32 -19.06 -2.73
CA PHE A 160 13.11 -18.78 -4.15
C PHE A 160 13.80 -19.84 -5.00
N ALA A 161 13.06 -20.43 -5.92
CA ALA A 161 13.60 -21.44 -6.81
C ALA A 161 13.09 -21.15 -8.22
N SER A 162 14.00 -21.11 -9.21
CA SER A 162 13.63 -20.65 -10.55
C SER A 162 14.01 -21.59 -11.68
N SER A 163 14.37 -22.85 -11.39
CA SER A 163 14.53 -23.82 -12.47
C SER A 163 13.22 -23.99 -13.26
N ASP A 164 12.09 -24.00 -12.57
CA ASP A 164 10.80 -23.93 -13.25
C ASP A 164 10.47 -22.46 -13.52
N GLY A 165 10.41 -22.09 -14.79
CA GLY A 165 10.43 -20.67 -15.11
C GLY A 165 9.24 -19.90 -14.57
N TRP A 166 8.06 -20.53 -14.53
CA TRP A 166 6.85 -19.83 -14.11
C TRP A 166 6.97 -19.33 -12.69
N VAL A 167 7.79 -19.99 -11.86
CA VAL A 167 7.92 -19.59 -10.45
C VAL A 167 8.47 -18.18 -10.34
N ALA A 168 9.43 -17.84 -11.19
CA ALA A 168 10.06 -16.52 -11.13
C ALA A 168 9.07 -15.41 -11.47
N ASN A 169 8.05 -15.73 -12.25
CA ASN A 169 7.09 -14.72 -12.69
C ASN A 169 6.05 -14.38 -11.64
N MET A 170 5.99 -15.13 -10.53
CA MET A 170 4.96 -14.90 -9.53
C MET A 170 5.20 -13.54 -8.88
N MET A 171 6.30 -13.39 -8.14
CA MET A 171 6.59 -12.10 -7.53
C MET A 171 6.74 -11.01 -8.58
N LEU A 172 7.24 -11.35 -9.76
CA LEU A 172 7.38 -10.37 -10.81
C LEU A 172 6.03 -9.79 -11.19
N ASN A 173 5.00 -10.64 -11.20
CA ASN A 173 3.70 -10.28 -11.74
C ASN A 173 3.30 -9.04 -11.00
N THR A 174 3.35 -9.32 -9.68
CA THR A 174 2.88 -8.36 -8.65
C THR A 174 3.76 -7.14 -8.58
N LEU A 175 5.06 -7.30 -8.84
CA LEU A 175 5.91 -6.12 -8.80
C LEU A 175 5.59 -5.15 -9.92
N TRP A 176 5.46 -5.64 -11.18
CA TRP A 176 5.20 -4.64 -12.22
C TRP A 176 3.75 -4.15 -12.16
N VAL A 177 2.83 -4.94 -11.61
CA VAL A 177 1.47 -4.45 -11.40
C VAL A 177 1.45 -3.42 -10.28
N ARG A 178 2.24 -3.62 -9.24
CA ARG A 178 2.41 -2.59 -8.22
C ARG A 178 2.80 -1.26 -8.85
N THR A 179 3.77 -1.29 -9.77
CA THR A 179 4.32 -0.03 -10.28
C THR A 179 3.50 0.55 -11.43
N ALA A 180 2.91 -0.29 -12.27
CA ALA A 180 2.22 0.18 -13.46
C ALA A 180 0.71 0.01 -13.42
N GLY A 181 0.18 -0.66 -12.41
CA GLY A 181 -1.25 -0.93 -12.35
C GLY A 181 -1.63 -2.23 -13.04
N ASP A 182 -2.72 -2.84 -12.57
CA ASP A 182 -3.15 -4.12 -13.13
C ASP A 182 -3.57 -4.00 -14.59
N ASP A 183 -4.05 -2.82 -14.99
CA ASP A 183 -4.46 -2.59 -16.37
C ASP A 183 -3.28 -2.64 -17.37
N SER A 184 -2.05 -2.77 -16.88
CA SER A 184 -0.91 -2.92 -17.77
C SER A 184 -0.99 -4.19 -18.61
N VAL A 185 -1.47 -5.28 -18.00
CA VAL A 185 -1.40 -6.58 -18.69
C VAL A 185 -2.44 -6.66 -19.81
N PRO A 186 -3.73 -6.38 -19.57
CA PRO A 186 -4.65 -6.27 -20.72
C PRO A 186 -4.17 -5.25 -21.75
N GLY A 187 -3.55 -4.15 -21.28
CA GLY A 187 -2.99 -3.17 -22.20
C GLY A 187 -1.96 -3.78 -23.13
N PHE A 188 -1.11 -4.68 -22.61
CA PHE A 188 -0.11 -5.34 -23.45
C PHE A 188 -0.76 -6.01 -24.65
N VAL A 189 -1.81 -6.79 -24.42
CA VAL A 189 -2.37 -7.56 -25.53
C VAL A 189 -3.25 -6.70 -26.44
N ARG A 190 -3.78 -5.58 -25.97
CA ARG A 190 -4.56 -4.74 -26.85
C ARG A 190 -3.76 -3.62 -27.50
N GLY A 191 -2.48 -3.49 -27.15
CA GLY A 191 -1.61 -2.52 -27.79
C GLY A 191 -1.64 -1.13 -27.22
N THR A 192 -2.21 -0.94 -26.03
CA THR A 192 -2.24 0.36 -25.39
C THR A 192 -1.21 0.50 -24.28
N ARG A 193 -0.53 -0.58 -23.91
CA ARG A 193 0.56 -0.54 -22.95
C ARG A 193 1.69 -1.41 -23.49
N ARG A 194 2.91 -1.11 -23.10
CA ARG A 194 4.08 -1.80 -23.62
C ARG A 194 4.95 -2.29 -22.47
N TRP A 195 5.54 -3.48 -22.64
CA TRP A 195 6.47 -4.01 -21.64
C TRP A 195 7.62 -3.05 -21.36
N THR A 196 7.99 -2.25 -22.37
CA THR A 196 9.13 -1.34 -22.27
C THR A 196 8.78 -0.04 -21.56
N ASP A 197 7.50 0.19 -21.26
CA ASP A 197 7.09 1.45 -20.63
C ASP A 197 7.80 1.62 -19.30
N PRO A 198 8.19 2.86 -18.94
CA PRO A 198 8.99 3.07 -17.71
C PRO A 198 8.28 2.69 -16.42
N ASP A 199 6.94 2.78 -16.38
CA ASP A 199 6.25 2.32 -15.18
C ASP A 199 6.24 0.78 -15.07
N VAL A 200 6.12 0.07 -16.19
CA VAL A 200 6.32 -1.38 -16.15
C VAL A 200 7.74 -1.69 -15.71
N ALA A 201 8.73 -1.06 -16.38
CA ALA A 201 10.14 -1.29 -16.09
C ALA A 201 10.51 -1.03 -14.64
N ASP A 202 9.82 -0.10 -13.98
CA ASP A 202 10.12 0.17 -12.57
C ASP A 202 9.98 -1.11 -11.73
N GLY A 203 8.92 -1.89 -11.98
CA GLY A 203 8.74 -3.13 -11.23
C GLY A 203 9.79 -4.17 -11.56
N PHE A 204 10.20 -4.26 -12.83
CA PHE A 204 11.30 -5.15 -13.20
C PHE A 204 12.59 -4.74 -12.51
N LYS A 205 12.86 -3.43 -12.42
CA LYS A 205 14.09 -2.97 -11.78
C LYS A 205 14.06 -3.23 -10.28
N ARG A 206 12.85 -3.20 -9.70
CA ARG A 206 12.73 -3.51 -8.28
C ARG A 206 13.02 -4.98 -8.03
N TYR A 207 12.51 -5.83 -8.92
CA TYR A 207 12.81 -7.25 -8.86
C TYR A 207 14.31 -7.49 -8.98
N ASP A 208 14.94 -6.83 -9.96
CA ASP A 208 16.38 -6.94 -10.15
C ASP A 208 17.15 -6.47 -8.92
N THR A 209 16.64 -5.44 -8.23
CA THR A 209 17.28 -5.00 -6.98
C THR A 209 17.29 -6.14 -5.96
N LEU A 210 16.18 -6.88 -5.88
CA LEU A 210 16.15 -8.04 -4.99
C LEU A 210 17.20 -9.06 -5.39
N LEU A 211 17.39 -9.24 -6.70
CA LEU A 211 18.44 -10.12 -7.18
C LEU A 211 19.82 -9.57 -6.80
N LYS A 212 20.05 -8.28 -7.08
CA LYS A 212 21.37 -7.65 -6.88
C LYS A 212 21.77 -7.64 -5.42
N LYS A 213 20.82 -7.67 -4.50
CA LYS A 213 21.12 -7.66 -3.07
C LYS A 213 21.13 -9.04 -2.46
N GLY A 214 20.77 -10.07 -3.22
CA GLY A 214 20.67 -11.40 -2.66
C GLY A 214 19.48 -11.59 -1.74
N TYR A 215 18.43 -10.79 -1.92
CA TYR A 215 17.22 -10.95 -1.12
C TYR A 215 16.33 -12.06 -1.69
N LEU A 216 16.27 -12.17 -3.01
CA LEU A 216 15.81 -13.39 -3.64
C LEU A 216 16.94 -14.41 -3.56
N GLN A 217 16.61 -15.63 -3.11
CA GLN A 217 17.61 -16.64 -2.82
C GLN A 217 18.61 -16.85 -3.95
N GLU A 218 19.89 -16.71 -3.62
CA GLU A 218 20.94 -16.88 -4.62
C GLU A 218 21.09 -18.34 -5.02
N GLY A 219 21.54 -18.56 -6.26
CA GLY A 219 21.66 -19.90 -6.79
C GLY A 219 20.34 -20.55 -7.19
N SER A 220 19.29 -19.75 -7.39
CA SER A 220 17.93 -20.30 -7.52
C SER A 220 17.69 -21.02 -8.84
N LEU A 221 18.49 -20.72 -9.87
CA LEU A 221 18.33 -21.35 -11.17
C LEU A 221 18.51 -22.86 -11.11
N GLY A 222 19.20 -23.37 -10.10
CA GLY A 222 19.34 -24.81 -10.04
C GLY A 222 18.25 -25.56 -9.32
N GLN A 223 17.27 -24.88 -8.73
CA GLN A 223 16.31 -25.51 -7.82
C GLN A 223 14.92 -25.56 -8.43
N LYS A 224 14.31 -26.74 -8.38
CA LYS A 224 12.91 -26.92 -8.76
C LYS A 224 11.98 -26.21 -7.78
N TYR A 225 10.76 -25.93 -8.24
CA TYR A 225 9.76 -25.21 -7.45
C TYR A 225 9.67 -25.65 -5.99
N ALA A 226 9.55 -26.96 -5.74
CA ALA A 226 9.37 -27.45 -4.37
C ALA A 226 10.49 -27.03 -3.42
N GLU A 227 11.68 -26.74 -3.95
CA GLU A 227 12.81 -26.43 -3.08
C GLU A 227 12.64 -25.10 -2.34
N GLN A 228 11.95 -24.13 -2.96
CA GLN A 228 11.65 -22.91 -2.21
C GLN A 228 10.72 -23.20 -1.04
N GLN A 229 9.82 -24.15 -1.21
CA GLN A 229 8.92 -24.52 -0.11
C GLN A 229 9.67 -25.30 0.96
N TYR A 230 10.62 -26.15 0.56
CA TYR A 230 11.47 -26.77 1.57
C TYR A 230 12.17 -25.70 2.41
N ALA A 231 12.83 -24.75 1.75
CA ALA A 231 13.64 -23.76 2.47
C ALA A 231 12.79 -23.00 3.47
N PHE A 232 11.60 -22.56 3.04
CA PHE A 232 10.72 -21.83 3.94
C PHE A 232 10.23 -22.71 5.08
N ARG A 233 9.72 -23.91 4.77
CA ARG A 233 9.12 -24.69 5.85
C ARG A 233 10.17 -25.26 6.80
N GLU A 234 11.42 -25.39 6.36
CA GLU A 234 12.49 -25.83 7.22
C GLU A 234 13.16 -24.67 7.96
N GLY A 235 12.59 -23.47 7.90
CA GLY A 235 13.06 -22.36 8.70
C GLY A 235 14.33 -21.67 8.24
N ARG A 236 14.74 -21.89 6.99
CA ARG A 236 15.95 -21.25 6.49
C ARG A 236 15.69 -19.90 5.83
N ALA A 237 14.44 -19.59 5.54
CA ALA A 237 14.10 -18.34 4.88
C ALA A 237 13.04 -17.62 5.69
N ALA A 238 13.15 -16.28 5.76
CA ALA A 238 12.18 -15.50 6.50
C ALA A 238 10.84 -15.39 5.77
N MET A 239 10.88 -15.41 4.44
CA MET A 239 9.71 -15.15 3.61
C MET A 239 9.78 -16.04 2.39
N MET A 240 8.64 -16.15 1.71
CA MET A 240 8.52 -16.87 0.44
C MET A 240 7.31 -16.32 -0.28
N PHE A 241 7.51 -15.78 -1.48
CA PHE A 241 6.37 -15.38 -2.31
C PHE A 241 5.83 -16.61 -3.03
N ASP A 242 4.53 -16.88 -2.87
CA ASP A 242 3.96 -18.10 -3.41
C ASP A 242 2.44 -17.96 -3.47
N GLY A 243 1.81 -18.95 -4.07
CA GLY A 243 0.36 -19.00 -4.10
C GLY A 243 -0.21 -19.70 -2.90
N SER A 244 -1.50 -19.43 -2.64
CA SER A 244 -2.18 -20.05 -1.51
C SER A 244 -2.18 -21.59 -1.59
N TRP A 245 -2.11 -22.14 -2.80
CA TRP A 245 -2.08 -23.60 -2.97
C TRP A 245 -0.85 -24.22 -2.31
N ALA A 246 0.15 -23.41 -1.97
CA ALA A 246 1.41 -23.90 -1.40
C ALA A 246 1.25 -24.41 0.01
N SER A 247 0.22 -23.97 0.72
CA SER A 247 0.00 -24.47 2.07
C SER A 247 -0.25 -25.97 2.08
N ALA A 248 -0.67 -26.57 0.95
CA ALA A 248 -0.79 -28.02 0.86
C ALA A 248 0.53 -28.72 1.12
N ALA A 249 1.65 -27.98 1.10
CA ALA A 249 2.99 -28.53 1.28
C ALA A 249 3.75 -27.90 2.44
N LEU A 250 3.07 -27.20 3.36
CA LEU A 250 3.76 -26.31 4.26
C LEU A 250 3.66 -26.68 5.74
N VAL A 251 2.46 -27.00 6.25
CA VAL A 251 2.23 -26.77 7.67
C VAL A 251 1.62 -27.97 8.43
N ASP A 252 2.24 -29.14 8.33
CA ASP A 252 1.74 -30.25 9.13
C ASP A 252 2.81 -31.32 9.32
N ALA A 253 2.68 -32.05 10.44
CA ALA A 253 3.37 -33.29 10.74
C ALA A 253 4.87 -33.11 10.98
N GLY A 254 5.64 -34.15 10.68
CA GLY A 254 7.08 -34.15 10.89
C GLY A 254 7.88 -33.74 9.67
N LYS A 255 7.38 -32.72 8.97
CA LYS A 255 8.13 -32.03 7.93
C LYS A 255 8.46 -30.60 8.31
N THR A 256 7.56 -29.97 9.05
CA THR A 256 7.51 -28.53 9.22
C THR A 256 7.94 -28.18 10.64
N LYS A 257 9.10 -27.55 10.76
CA LYS A 257 9.54 -27.01 12.05
C LYS A 257 8.53 -26.00 12.59
N ILE A 258 8.03 -25.14 11.71
CA ILE A 258 7.54 -23.82 12.04
C ILE A 258 6.05 -23.68 11.72
N ALA A 259 5.26 -24.73 12.00
CA ALA A 259 3.89 -24.80 11.47
C ALA A 259 3.00 -23.66 11.99
N GLU A 260 2.94 -23.46 13.31
CA GLU A 260 2.01 -22.47 13.83
C GLU A 260 2.49 -21.04 13.65
N ASP A 261 3.80 -20.81 13.59
CA ASP A 261 4.27 -19.46 13.39
C ASP A 261 4.46 -19.12 11.91
N ILE A 262 3.72 -19.77 11.01
CA ILE A 262 3.69 -19.41 9.59
C ILE A 262 2.56 -18.43 9.36
N GLY A 263 2.85 -17.30 8.71
CA GLY A 263 1.84 -16.31 8.37
C GLY A 263 1.87 -15.90 6.90
N PHE A 264 1.11 -14.88 6.57
CA PHE A 264 0.95 -14.47 5.17
C PHE A 264 0.56 -13.01 5.15
N PHE A 265 1.18 -12.22 4.27
CA PHE A 265 0.73 -10.85 4.07
C PHE A 265 0.80 -10.49 2.59
N SER A 266 -0.03 -9.53 2.20
CA SER A 266 0.04 -8.99 0.84
C SER A 266 1.37 -8.27 0.65
N PHE A 267 1.86 -8.29 -0.59
CA PHE A 267 3.18 -7.72 -0.89
C PHE A 267 3.19 -6.24 -0.55
N PRO A 268 4.28 -5.73 0.04
CA PRO A 268 4.34 -4.31 0.38
C PRO A 268 3.97 -3.37 -0.77
N ASP A 269 3.38 -2.23 -0.43
CA ASP A 269 3.13 -1.20 -1.42
C ASP A 269 4.45 -0.53 -1.80
N VAL A 270 4.47 0.08 -3.00
CA VAL A 270 5.66 0.72 -3.53
C VAL A 270 5.43 2.16 -3.97
N GLY A 271 4.23 2.70 -3.81
CA GLY A 271 3.99 4.05 -4.29
C GLY A 271 3.87 4.06 -5.79
N GLY A 272 2.99 3.20 -6.29
CA GLY A 272 2.74 3.06 -7.71
C GLY A 272 1.28 2.75 -7.94
N LYS A 273 0.92 2.61 -9.20
CA LYS A 273 -0.49 2.53 -9.64
C LYS A 273 -1.18 1.24 -9.25
N GLY A 274 -0.46 0.27 -8.65
CA GLY A 274 -1.07 -0.98 -8.28
C GLY A 274 -1.02 -1.25 -6.79
N ASP A 275 -0.75 -0.21 -6.00
CA ASP A 275 -0.79 -0.37 -4.55
C ASP A 275 -2.19 -0.78 -4.12
N GLY A 276 -2.24 -1.52 -3.01
CA GLY A 276 -3.50 -1.93 -2.43
C GLY A 276 -4.15 -3.11 -3.08
N MET A 277 -3.55 -3.70 -4.12
CA MET A 277 -4.15 -4.83 -4.80
C MET A 277 -3.36 -6.11 -4.50
N ILE A 278 -4.01 -7.24 -4.73
CA ILE A 278 -3.39 -8.54 -4.53
C ILE A 278 -3.69 -9.39 -5.75
N ASN A 279 -2.71 -10.22 -6.11
CA ASN A 279 -2.86 -11.19 -7.18
C ASN A 279 -3.77 -12.33 -6.71
N GLY A 280 -4.88 -12.55 -7.40
CA GLY A 280 -5.80 -13.61 -7.02
C GLY A 280 -6.90 -13.76 -8.03
N GLY A 281 -7.55 -14.93 -7.98
CA GLY A 281 -8.68 -15.15 -8.85
C GLY A 281 -9.09 -16.61 -8.85
N TYR A 282 -9.90 -16.96 -9.83
CA TYR A 282 -10.55 -18.28 -9.93
C TYR A 282 -10.10 -18.92 -11.24
N SER A 283 -8.84 -19.36 -11.27
CA SER A 283 -8.13 -19.57 -12.54
C SER A 283 -8.03 -21.01 -12.98
N ASN A 284 -8.04 -21.97 -12.05
CA ASN A 284 -7.59 -23.32 -12.31
C ASN A 284 -8.59 -24.34 -11.77
N GLY A 285 -8.99 -25.26 -12.62
CA GLY A 285 -9.94 -26.30 -12.25
C GLY A 285 -9.88 -27.40 -13.29
N TYR A 286 -11.05 -27.80 -13.82
CA TYR A 286 -11.14 -28.89 -14.78
C TYR A 286 -11.99 -28.48 -15.98
N GLY A 287 -11.58 -28.96 -17.16
CA GLY A 287 -12.37 -28.83 -18.36
C GLY A 287 -12.76 -30.23 -18.83
N PHE A 288 -13.60 -30.27 -19.85
CA PHE A 288 -14.14 -31.55 -20.30
C PHE A 288 -14.09 -31.60 -21.82
N SER A 289 -13.65 -32.74 -22.34
CA SER A 289 -13.54 -32.89 -23.78
C SER A 289 -14.89 -32.65 -24.47
N ALA A 290 -14.83 -32.00 -25.62
CA ALA A 290 -16.03 -31.88 -26.44
C ALA A 290 -16.49 -33.24 -26.96
N SER A 291 -15.59 -34.22 -27.04
CA SER A 291 -15.87 -35.55 -27.59
C SER A 291 -16.19 -36.52 -26.45
N LEU A 292 -17.39 -36.41 -25.92
CA LEU A 292 -17.85 -37.31 -24.87
C LEU A 292 -19.03 -38.11 -25.40
N ASN A 293 -18.98 -39.43 -25.26
CA ASN A 293 -20.11 -40.27 -25.58
C ASN A 293 -20.99 -40.37 -24.32
N GLU A 294 -21.84 -41.40 -24.22
CA GLU A 294 -22.87 -41.43 -23.18
C GLU A 294 -22.30 -41.80 -21.80
N ARG A 295 -21.54 -42.90 -21.70
CA ARG A 295 -20.92 -43.22 -20.40
C ARG A 295 -19.95 -42.11 -20.01
N GLU A 296 -19.20 -41.60 -20.99
CA GLU A 296 -18.19 -40.57 -20.73
C GLU A 296 -18.83 -39.33 -20.17
N LYS A 297 -19.90 -38.87 -20.83
CA LYS A 297 -20.63 -37.72 -20.31
C LYS A 297 -21.17 -37.99 -18.92
N LYS A 298 -21.76 -39.18 -18.71
CA LYS A 298 -22.24 -39.53 -17.39
C LYS A 298 -21.13 -39.45 -16.35
N ALA A 299 -19.92 -39.88 -16.74
CA ALA A 299 -18.78 -39.82 -15.83
C ALA A 299 -18.39 -38.38 -15.55
N ALA A 300 -18.39 -37.54 -16.58
CA ALA A 300 -18.05 -36.14 -16.39
C ALA A 300 -19.07 -35.44 -15.50
N VAL A 301 -20.36 -35.77 -15.66
CA VAL A 301 -21.40 -35.20 -14.82
C VAL A 301 -21.20 -35.62 -13.37
N GLU A 302 -20.94 -36.92 -13.16
CA GLU A 302 -20.64 -37.40 -11.81
C GLU A 302 -19.43 -36.70 -11.23
N PHE A 303 -18.37 -36.55 -12.03
CA PHE A 303 -17.19 -35.85 -11.53
C PHE A 303 -17.56 -34.45 -11.06
N ILE A 304 -18.32 -33.73 -11.89
CA ILE A 304 -18.74 -32.37 -11.51
C ILE A 304 -19.55 -32.40 -10.23
N LYS A 305 -20.49 -33.34 -10.13
CA LYS A 305 -21.36 -33.39 -8.96
C LYS A 305 -20.57 -33.65 -7.69
N ILE A 306 -19.53 -34.48 -7.77
CA ILE A 306 -18.77 -34.81 -6.58
C ILE A 306 -17.71 -33.73 -6.29
N MET A 307 -16.89 -33.37 -7.29
CA MET A 307 -15.81 -32.42 -7.03
C MET A 307 -16.36 -31.06 -6.61
N TYR A 308 -17.38 -30.57 -7.31
CA TYR A 308 -17.90 -29.23 -7.08
C TYR A 308 -19.07 -29.31 -6.11
N SER A 309 -18.74 -29.70 -4.90
CA SER A 309 -19.70 -29.85 -3.82
C SER A 309 -19.12 -29.21 -2.58
N GLU A 310 -20.00 -28.88 -1.65
CA GLU A 310 -19.51 -28.29 -0.41
C GLU A 310 -18.68 -29.28 0.38
N GLU A 311 -18.98 -30.58 0.25
CA GLU A 311 -18.18 -31.60 0.92
C GLU A 311 -16.74 -31.56 0.45
N MET A 312 -16.52 -31.55 -0.86
CA MET A 312 -15.14 -31.63 -1.31
C MET A 312 -14.43 -30.29 -1.17
N GLN A 313 -15.14 -29.18 -1.40
CA GLN A 313 -14.58 -27.85 -1.19
C GLN A 313 -14.12 -27.67 0.25
N LYS A 314 -14.94 -28.09 1.22
CA LYS A 314 -14.53 -28.00 2.62
C LYS A 314 -13.37 -28.93 2.92
N ARG A 315 -13.40 -30.14 2.37
CA ARG A 315 -12.35 -31.12 2.64
C ARG A 315 -10.97 -30.58 2.23
N GLN A 316 -10.86 -30.05 1.02
CA GLN A 316 -9.56 -29.58 0.55
C GLN A 316 -9.14 -28.33 1.31
N LEU A 317 -10.11 -27.57 1.81
CA LEU A 317 -9.76 -26.41 2.66
C LEU A 317 -9.18 -26.89 3.99
N LYS A 318 -9.88 -27.83 4.63
CA LYS A 318 -9.48 -28.33 5.95
C LYS A 318 -8.19 -29.13 5.86
N GLU A 319 -8.07 -29.98 4.83
CA GLU A 319 -6.94 -30.89 4.72
C GLU A 319 -5.68 -30.21 4.21
N SER A 320 -5.82 -29.22 3.35
CA SER A 320 -4.69 -28.76 2.58
C SER A 320 -4.65 -27.25 2.41
N GLY A 321 -5.62 -26.50 2.95
CA GLY A 321 -5.59 -25.06 2.91
C GLY A 321 -6.07 -24.43 1.63
N ILE A 322 -6.58 -25.22 0.69
CA ILE A 322 -6.99 -24.67 -0.59
C ILE A 322 -8.29 -23.89 -0.44
N LEU A 323 -8.25 -22.62 -0.83
CA LEU A 323 -9.38 -21.71 -0.65
C LEU A 323 -10.51 -22.05 -1.63
N PRO A 324 -11.76 -22.01 -1.18
CA PRO A 324 -12.86 -22.50 -2.01
C PRO A 324 -13.12 -21.61 -3.20
N ALA A 325 -13.47 -22.23 -4.32
CA ALA A 325 -13.97 -21.49 -5.46
C ALA A 325 -15.48 -21.30 -5.42
N MET A 326 -16.21 -22.04 -4.58
CA MET A 326 -17.67 -21.93 -4.51
C MET A 326 -18.12 -21.27 -3.20
N LYS A 327 -19.39 -20.90 -3.16
CA LYS A 327 -19.99 -20.33 -1.95
C LYS A 327 -20.23 -21.43 -0.92
N LEU A 328 -19.76 -21.21 0.31
CA LEU A 328 -19.81 -22.20 1.38
C LEU A 328 -20.76 -21.76 2.50
N SER A 329 -21.29 -22.76 3.22
CA SER A 329 -22.21 -22.50 4.33
C SER A 329 -21.47 -22.21 5.63
N ASP A 330 -20.41 -22.97 5.91
CA ASP A 330 -19.77 -22.95 7.21
C ASP A 330 -18.37 -22.35 7.15
N LEU A 331 -17.43 -23.00 6.45
CA LEU A 331 -16.09 -22.48 6.18
C LEU A 331 -15.32 -22.09 7.46
N SER A 332 -15.83 -22.48 8.63
CA SER A 332 -15.26 -22.03 9.90
C SER A 332 -14.28 -23.05 10.45
N GLY A 333 -13.30 -22.54 11.21
CA GLY A 333 -12.32 -23.37 11.90
C GLY A 333 -11.16 -23.79 11.01
N VAL A 334 -10.12 -22.95 10.94
CA VAL A 334 -8.97 -23.17 10.06
C VAL A 334 -7.72 -22.51 10.63
N HIS A 335 -6.59 -22.90 10.05
CA HIS A 335 -5.28 -22.39 10.44
C HIS A 335 -5.22 -20.87 10.34
N PRO A 336 -4.45 -20.22 11.23
CA PRO A 336 -4.25 -18.76 11.12
C PRO A 336 -3.80 -18.29 9.74
N VAL A 337 -2.87 -18.99 9.10
CA VAL A 337 -2.39 -18.57 7.78
C VAL A 337 -3.56 -18.50 6.82
N ILE A 338 -4.60 -19.31 7.04
CA ILE A 338 -5.75 -19.30 6.18
C ILE A 338 -6.62 -18.07 6.45
N ARG A 339 -6.84 -17.72 7.73
CA ARG A 339 -7.52 -16.45 8.02
C ARG A 339 -6.76 -15.31 7.38
N GLU A 340 -5.43 -15.30 7.56
CA GLU A 340 -4.60 -14.22 7.07
C GLU A 340 -4.68 -14.12 5.55
N MET A 341 -4.83 -15.25 4.85
CA MET A 341 -5.03 -15.21 3.40
C MET A 341 -6.41 -14.70 3.02
N ILE A 342 -7.47 -15.14 3.71
CA ILE A 342 -8.81 -14.62 3.43
C ILE A 342 -8.87 -13.14 3.76
N GLN A 343 -8.28 -12.75 4.89
CA GLN A 343 -8.07 -11.36 5.24
C GLN A 343 -7.41 -10.59 4.09
N ALA A 344 -6.26 -11.09 3.62
CA ALA A 344 -5.54 -10.38 2.56
C ALA A 344 -6.27 -10.40 1.23
N SER A 345 -7.24 -11.31 1.04
CA SER A 345 -7.98 -11.38 -0.20
C SER A 345 -9.09 -10.35 -0.28
N GLU A 346 -9.35 -9.63 0.81
CA GLU A 346 -10.37 -8.60 0.78
C GLU A 346 -9.97 -7.43 -0.10
N LEU A 347 -8.68 -7.33 -0.44
CA LEU A 347 -8.18 -6.24 -1.28
C LEU A 347 -8.66 -6.40 -2.72
N ARG A 348 -8.54 -5.31 -3.47
CA ARG A 348 -8.82 -5.35 -4.90
C ARG A 348 -7.89 -6.36 -5.58
N GLN A 349 -8.42 -7.05 -6.58
CA GLN A 349 -7.72 -8.23 -7.10
C GLN A 349 -7.41 -8.09 -8.58
N PHE A 350 -6.30 -8.70 -8.98
CA PHE A 350 -6.00 -8.85 -10.38
C PHE A 350 -5.64 -10.30 -10.68
N PRO A 351 -5.94 -10.79 -11.87
CA PRO A 351 -5.62 -12.18 -12.21
C PRO A 351 -4.14 -12.34 -12.54
N ALA A 352 -3.69 -13.59 -12.58
CA ALA A 352 -2.32 -13.85 -12.99
C ALA A 352 -2.15 -13.41 -14.44
N PHE A 353 -0.97 -12.88 -14.77
CA PHE A 353 -0.71 -12.41 -16.12
C PHE A 353 -0.89 -13.50 -17.18
N ASP A 354 -0.60 -14.76 -16.86
CA ASP A 354 -0.74 -15.83 -17.85
C ASP A 354 -2.20 -16.15 -18.18
N SER A 355 -3.15 -15.58 -17.45
CA SER A 355 -4.53 -15.69 -17.86
C SER A 355 -4.87 -14.69 -18.94
N ILE A 356 -4.02 -13.67 -19.15
CA ILE A 356 -4.28 -12.58 -20.08
C ILE A 356 -3.39 -12.67 -21.32
N VAL A 357 -2.08 -12.89 -21.13
CA VAL A 357 -1.15 -12.88 -22.27
C VAL A 357 -1.18 -14.23 -23.00
N GLN A 358 -0.74 -14.19 -24.25
CA GLN A 358 -0.62 -15.40 -25.07
C GLN A 358 0.52 -16.30 -24.57
N ALA A 359 0.42 -17.59 -24.90
CA ALA A 359 1.40 -18.58 -24.43
C ALA A 359 2.82 -18.18 -24.81
N LYS A 360 3.02 -17.71 -26.05
CA LYS A 360 4.37 -17.37 -26.49
C LYS A 360 4.96 -16.24 -25.66
N VAL A 361 4.12 -15.30 -25.22
CA VAL A 361 4.59 -14.19 -24.39
C VAL A 361 4.99 -14.69 -23.02
N ARG A 362 4.13 -15.52 -22.41
CA ARG A 362 4.44 -16.16 -21.14
C ARG A 362 5.75 -16.95 -21.22
N GLU A 363 5.90 -17.77 -22.27
CA GLU A 363 7.11 -18.57 -22.43
C GLU A 363 8.35 -17.68 -22.53
N THR A 364 8.23 -16.58 -23.27
CA THR A 364 9.36 -15.68 -23.45
C THR A 364 9.72 -14.97 -22.14
N LEU A 365 8.71 -14.58 -21.36
CA LEU A 365 9.00 -13.97 -20.07
C LEU A 365 9.74 -14.94 -19.16
N GLU A 366 9.31 -16.22 -19.14
CA GLU A 366 10.02 -17.24 -18.37
C GLU A 366 11.49 -17.31 -18.76
N MET A 367 11.76 -17.46 -20.06
CA MET A 367 13.14 -17.62 -20.49
C MET A 367 13.94 -16.35 -20.24
N CYS A 368 13.34 -15.18 -20.48
CA CYS A 368 14.01 -13.92 -20.23
C CYS A 368 14.36 -13.75 -18.75
N MET A 369 13.45 -14.13 -17.85
CA MET A 369 13.74 -13.97 -16.43
C MET A 369 14.83 -14.91 -15.94
N GLN A 370 14.92 -16.12 -16.50
CA GLN A 370 16.03 -16.98 -16.12
C GLN A 370 17.36 -16.40 -16.58
N GLU A 371 17.39 -15.77 -17.75
CA GLU A 371 18.59 -15.05 -18.18
C GLU A 371 18.87 -13.87 -17.26
N LEU A 372 17.83 -13.13 -16.85
CA LEU A 372 18.08 -12.02 -15.93
C LEU A 372 18.59 -12.52 -14.59
N ILE A 373 18.01 -13.61 -14.08
CA ILE A 373 18.46 -14.17 -12.82
C ILE A 373 19.89 -14.67 -12.94
N GLY A 374 20.25 -15.25 -14.10
CA GLY A 374 21.60 -15.67 -14.36
C GLY A 374 22.55 -14.57 -14.76
N GLY A 375 22.14 -13.31 -14.67
CA GLY A 375 22.99 -12.19 -15.06
C GLY A 375 23.30 -12.10 -16.54
N ARG A 376 22.65 -12.90 -17.39
CA ARG A 376 22.98 -12.95 -18.81
C ARG A 376 22.13 -12.00 -19.66
N MET A 377 21.21 -11.26 -19.04
CA MET A 377 20.47 -10.21 -19.71
C MET A 377 20.24 -9.08 -18.73
N THR A 378 20.22 -7.86 -19.24
CA THR A 378 19.81 -6.71 -18.45
C THR A 378 18.29 -6.55 -18.52
N VAL A 379 17.76 -5.75 -17.59
CA VAL A 379 16.34 -5.40 -17.63
C VAL A 379 15.98 -4.83 -18.99
N GLU A 380 16.83 -3.96 -19.53
CA GLU A 380 16.56 -3.35 -20.84
C GLU A 380 16.40 -4.41 -21.92
N GLN A 381 17.31 -5.37 -21.97
CA GLN A 381 17.21 -6.46 -22.94
C GLN A 381 15.92 -7.26 -22.74
N VAL A 382 15.57 -7.52 -21.49
CA VAL A 382 14.35 -8.28 -21.21
C VAL A 382 13.13 -7.60 -21.83
N LEU A 383 12.92 -6.32 -21.49
CA LEU A 383 11.72 -5.62 -21.93
C LEU A 383 11.70 -5.41 -23.45
N ASP A 384 12.86 -5.10 -24.03
CA ASP A 384 12.96 -5.02 -25.49
C ASP A 384 12.44 -6.30 -26.14
N LYS A 385 12.89 -7.46 -25.63
CA LYS A 385 12.47 -8.73 -26.20
C LYS A 385 11.01 -9.02 -25.88
N MET A 386 10.57 -8.74 -24.65
CA MET A 386 9.16 -8.92 -24.31
C MET A 386 8.27 -8.12 -25.24
N GLN A 387 8.64 -6.88 -25.55
CA GLN A 387 7.74 -6.08 -26.36
C GLN A 387 7.69 -6.59 -27.79
N LYS A 388 8.83 -7.00 -28.35
CA LYS A 388 8.80 -7.52 -29.72
C LYS A 388 7.92 -8.74 -29.81
N VAL A 389 8.05 -9.67 -28.85
CA VAL A 389 7.21 -10.87 -28.87
C VAL A 389 5.75 -10.49 -28.66
N GLN A 390 5.52 -9.49 -27.80
CA GLN A 390 4.15 -9.02 -27.57
C GLN A 390 3.53 -8.48 -28.85
N GLU A 391 4.30 -7.72 -29.64
CA GLU A 391 3.78 -7.21 -30.91
C GLU A 391 3.44 -8.36 -31.85
N ASP A 392 4.34 -9.35 -31.95
CA ASP A 392 4.12 -10.49 -32.82
C ASP A 392 2.89 -11.29 -32.39
N ALA A 393 2.76 -11.55 -31.09
CA ALA A 393 1.61 -12.28 -30.58
C ALA A 393 0.31 -11.55 -30.90
N ASN A 394 0.29 -10.23 -30.68
CA ASN A 394 -0.91 -9.44 -30.97
C ASN A 394 -1.29 -9.52 -32.45
N ARG A 395 -0.30 -9.48 -33.33
CA ARG A 395 -0.57 -9.64 -34.76
C ARG A 395 -1.09 -11.03 -35.09
N ASP A 396 -0.57 -12.06 -34.42
CA ASP A 396 -0.93 -13.44 -34.73
C ASP A 396 -2.31 -13.83 -34.20
N MET A 397 -2.92 -13.00 -33.36
CA MET A 397 -4.29 -13.22 -32.89
C MET A 397 -5.29 -13.18 -34.04
N LYS A 398 -4.99 -12.46 -35.12
CA LYS A 398 -5.88 -12.37 -36.29
C LYS A 398 -6.02 -13.68 -37.06
N THR B 2 -27.12 29.23 9.16
CA THR B 2 -27.27 28.10 10.08
C THR B 2 -26.08 27.14 9.99
N VAL B 3 -25.76 26.62 8.80
CA VAL B 3 -24.63 25.71 8.70
C VAL B 3 -23.36 26.55 8.61
N SER B 4 -22.64 26.60 9.72
CA SER B 4 -21.33 27.23 9.75
C SER B 4 -20.28 26.22 9.28
N LEU B 5 -19.40 26.67 8.40
CA LEU B 5 -18.30 25.87 7.86
C LEU B 5 -17.01 26.57 8.28
N ARG B 6 -16.33 25.99 9.28
CA ARG B 6 -15.11 26.56 9.83
C ARG B 6 -13.90 26.03 9.06
N HIS B 7 -13.14 26.94 8.46
CA HIS B 7 -11.93 26.63 7.71
C HIS B 7 -10.79 27.53 8.16
N THR B 8 -9.57 27.17 7.74
CA THR B 8 -8.37 27.94 8.07
C THR B 8 -7.70 28.54 6.83
N GLN B 9 -8.38 28.61 5.69
CA GLN B 9 -7.74 29.08 4.45
C GLN B 9 -7.91 30.59 4.31
N VAL B 10 -7.17 31.32 5.15
CA VAL B 10 -7.38 32.76 5.29
C VAL B 10 -6.23 33.61 4.72
N ARG B 11 -5.05 33.05 4.50
CA ARG B 11 -3.97 33.83 3.89
C ARG B 11 -4.30 34.14 2.44
N ASP B 12 -3.81 35.29 1.96
CA ASP B 12 -3.92 35.57 0.53
C ASP B 12 -3.23 34.50 -0.32
N ASP B 13 -2.14 33.92 0.18
CA ASP B 13 -1.42 32.92 -0.61
C ASP B 13 -2.27 31.68 -0.87
N VAL B 14 -3.19 31.33 0.05
CA VAL B 14 -4.01 30.14 -0.16
C VAL B 14 -5.36 30.51 -0.75
N ARG B 15 -5.41 31.63 -1.49
CA ARG B 15 -6.70 32.10 -2.03
C ARG B 15 -7.42 31.04 -2.86
N LEU B 16 -6.67 30.20 -3.59
CA LEU B 16 -7.30 29.16 -4.41
C LEU B 16 -8.03 28.15 -3.54
N ARG B 17 -7.48 27.82 -2.37
CA ARG B 17 -8.14 26.87 -1.48
C ARG B 17 -9.42 27.48 -0.90
N LEU B 18 -9.41 28.79 -0.62
CA LEU B 18 -10.65 29.44 -0.20
C LEU B 18 -11.69 29.44 -1.32
N LYS B 19 -11.27 29.68 -2.56
CA LYS B 19 -12.23 29.70 -3.66
C LYS B 19 -12.88 28.33 -3.84
N MET B 20 -12.12 27.26 -3.63
CA MET B 20 -12.73 25.95 -3.79
C MET B 20 -13.80 25.73 -2.72
N LEU B 21 -13.54 26.22 -1.50
CA LEU B 21 -14.56 26.10 -0.45
C LEU B 21 -15.79 26.94 -0.76
N GLU B 22 -15.63 28.09 -1.43
CA GLU B 22 -16.80 28.88 -1.80
C GLU B 22 -17.62 28.17 -2.87
N ASP B 23 -16.95 27.54 -3.83
CA ASP B 23 -17.64 26.68 -4.78
C ASP B 23 -18.41 25.55 -4.09
N ILE B 24 -17.79 24.94 -3.07
CA ILE B 24 -18.48 23.84 -2.40
C ILE B 24 -19.68 24.36 -1.62
N ALA B 25 -19.56 25.53 -0.99
CA ALA B 25 -20.70 26.06 -0.25
C ALA B 25 -21.87 26.37 -1.19
N GLN B 26 -21.56 26.99 -2.35
CA GLN B 26 -22.55 27.27 -3.38
C GLN B 26 -23.35 26.01 -3.71
N ARG B 27 -22.64 24.88 -3.84
CA ARG B 27 -23.27 23.62 -4.21
C ARG B 27 -24.04 23.00 -3.04
N MET B 28 -23.50 23.10 -1.83
CA MET B 28 -24.27 22.60 -0.69
C MET B 28 -25.60 23.32 -0.59
N GLU B 29 -25.58 24.65 -0.78
CA GLU B 29 -26.82 25.43 -0.74
C GLU B 29 -27.80 24.98 -1.83
N ALA B 30 -27.29 24.67 -3.03
CA ALA B 30 -28.20 24.25 -4.09
C ALA B 30 -28.82 22.89 -3.79
N ALA B 31 -28.13 22.06 -3.00
CA ALA B 31 -28.64 20.73 -2.72
C ALA B 31 -29.66 20.70 -1.59
N VAL B 32 -29.72 21.72 -0.74
CA VAL B 32 -30.61 21.69 0.42
C VAL B 32 -31.47 22.95 0.42
N PRO B 33 -32.75 22.85 0.09
CA PRO B 33 -33.62 24.05 0.05
C PRO B 33 -33.50 24.90 1.31
N GLY B 34 -33.36 26.21 1.11
CA GLY B 34 -33.35 27.15 2.21
C GLY B 34 -32.14 27.09 3.12
N LEU B 35 -31.20 26.20 2.86
CA LEU B 35 -29.96 26.14 3.65
C LEU B 35 -29.08 27.34 3.29
N ARG B 36 -28.52 28.01 4.30
CA ARG B 36 -27.45 28.95 4.00
C ARG B 36 -26.18 28.34 4.61
N VAL B 37 -25.06 28.40 3.87
CA VAL B 37 -23.78 27.99 4.42
C VAL B 37 -22.98 29.25 4.75
N GLU B 38 -22.43 29.28 5.94
CA GLU B 38 -21.62 30.39 6.42
C GLU B 38 -20.17 29.96 6.53
N LEU B 39 -19.33 30.37 5.57
CA LEU B 39 -17.91 30.12 5.69
C LEU B 39 -17.35 30.97 6.82
N GLU B 40 -16.52 30.36 7.66
CA GLU B 40 -15.89 31.03 8.79
C GLU B 40 -14.39 30.79 8.68
N GLY B 41 -13.65 31.77 8.16
CA GLY B 41 -12.22 31.64 8.08
C GLY B 41 -11.53 32.12 9.35
N VAL B 42 -10.76 31.23 9.98
CA VAL B 42 -10.04 31.53 11.21
C VAL B 42 -8.60 31.10 11.03
N GLU B 43 -7.65 31.95 11.41
CA GLU B 43 -6.23 31.61 11.29
C GLU B 43 -5.96 30.23 11.90
N ASP B 44 -5.08 29.48 11.25
CA ASP B 44 -4.85 28.08 11.59
C ASP B 44 -4.58 27.87 13.08
N LYS B 45 -3.62 28.62 13.64
CA LYS B 45 -3.23 28.36 15.03
C LYS B 45 -4.30 28.81 16.01
N VAL B 46 -5.08 29.85 15.66
CA VAL B 46 -6.16 30.29 16.53
C VAL B 46 -7.28 29.26 16.55
N ASN B 47 -7.66 28.77 15.37
CA ASN B 47 -8.75 27.80 15.31
C ASN B 47 -8.39 26.55 16.08
N ARG B 48 -7.20 26.01 15.81
CA ARG B 48 -6.85 24.69 16.32
C ARG B 48 -6.56 24.71 17.80
N PHE B 49 -5.82 25.73 18.27
CA PHE B 49 -5.32 25.74 19.63
C PHE B 49 -6.12 26.62 20.57
N GLU B 50 -7.01 27.49 20.07
CA GLU B 50 -7.71 28.38 20.98
C GLU B 50 -9.22 28.30 20.77
N LYS B 51 -9.69 28.72 19.59
CA LYS B 51 -11.12 28.91 19.36
C LYS B 51 -11.90 27.61 19.34
N LEU B 52 -11.47 26.64 18.53
CA LEU B 52 -12.21 25.38 18.46
C LEU B 52 -12.18 24.61 19.78
N PRO B 53 -11.06 24.48 20.49
CA PRO B 53 -11.11 23.88 21.84
C PRO B 53 -12.11 24.55 22.77
N ALA B 54 -12.11 25.90 22.80
CA ALA B 54 -13.07 26.62 23.63
C ALA B 54 -14.50 26.29 23.22
N GLU B 55 -14.78 26.27 21.91
CA GLU B 55 -16.11 25.94 21.44
C GLU B 55 -16.47 24.50 21.76
N MET B 56 -15.52 23.59 21.59
CA MET B 56 -15.75 22.20 21.96
C MET B 56 -16.08 22.06 23.44
N ALA B 57 -15.29 22.74 24.30
CA ALA B 57 -15.53 22.70 25.74
C ALA B 57 -16.91 23.23 26.10
N ALA B 58 -17.33 24.33 25.47
CA ALA B 58 -18.65 24.91 25.72
C ALA B 58 -19.79 24.11 25.08
N GLY B 59 -19.46 23.08 24.30
CA GLY B 59 -20.47 22.32 23.58
C GLY B 59 -21.15 23.04 22.44
N ASN B 60 -20.52 24.07 21.86
CA ASN B 60 -21.08 24.81 20.73
C ASN B 60 -20.09 24.90 19.56
N PRO B 61 -19.61 23.79 19.03
CA PRO B 61 -18.70 23.88 17.88
C PRO B 61 -19.43 24.31 16.62
N PRO B 62 -18.72 24.75 15.59
CA PRO B 62 -19.33 24.88 14.26
C PRO B 62 -19.92 23.55 13.81
N LYS B 63 -20.77 23.60 12.78
CA LYS B 63 -21.35 22.36 12.25
C LYS B 63 -20.31 21.53 11.48
N ILE B 64 -19.42 22.20 10.75
CA ILE B 64 -18.34 21.58 9.99
C ILE B 64 -17.08 22.36 10.32
N PHE B 65 -15.95 21.67 10.53
CA PHE B 65 -14.80 22.41 11.03
C PHE B 65 -13.49 21.71 10.67
N ASP B 66 -12.49 22.52 10.35
CA ASP B 66 -11.12 22.06 10.18
C ASP B 66 -10.65 21.33 11.44
N LEU B 67 -10.19 20.08 11.28
CA LEU B 67 -9.97 19.21 12.41
C LEU B 67 -8.71 18.40 12.21
N PHE B 68 -7.95 18.22 13.28
CA PHE B 68 -6.74 17.40 13.24
C PHE B 68 -6.99 16.07 13.94
N GLY B 69 -6.42 15.01 13.37
CA GLY B 69 -6.54 13.69 13.94
C GLY B 69 -5.62 13.51 15.14
N GLY B 70 -5.68 12.30 15.68
CA GLY B 70 -4.89 12.03 16.87
C GLY B 70 -5.50 12.72 18.07
N THR B 71 -4.62 13.41 18.84
CA THR B 71 -4.98 13.97 20.15
C THR B 71 -6.26 14.78 20.12
N ASP B 72 -6.32 15.78 19.24
CA ASP B 72 -7.50 16.64 19.15
C ASP B 72 -8.76 15.81 18.93
N THR B 73 -8.73 14.92 17.93
CA THR B 73 -9.93 14.15 17.60
C THR B 73 -10.33 13.25 18.75
N ALA B 74 -9.38 12.51 19.32
CA ALA B 74 -9.69 11.63 20.44
C ALA B 74 -10.29 12.42 21.61
N LYS B 75 -9.81 13.64 21.82
CA LYS B 75 -10.34 14.46 22.90
C LYS B 75 -11.79 14.83 22.65
N TYR B 76 -12.13 15.21 21.42
CA TYR B 76 -13.50 15.62 21.14
C TYR B 76 -14.42 14.42 21.02
N VAL B 77 -13.88 13.25 20.63
CA VAL B 77 -14.69 12.04 20.66
C VAL B 77 -15.09 11.69 22.09
N LYS B 78 -14.11 11.71 23.01
CA LYS B 78 -14.37 11.40 24.41
C LYS B 78 -15.48 12.28 24.99
N ALA B 79 -15.59 13.51 24.54
CA ALA B 79 -16.62 14.44 25.00
C ALA B 79 -17.90 14.35 24.16
N GLY B 80 -18.01 13.37 23.26
CA GLY B 80 -19.24 13.14 22.51
C GLY B 80 -19.62 14.24 21.55
N ARG B 81 -18.63 14.97 21.03
CA ARG B 81 -18.84 16.16 20.21
C ARG B 81 -18.84 15.87 18.72
N LEU B 82 -18.36 14.71 18.30
CA LEU B 82 -18.13 14.46 16.88
C LEU B 82 -19.15 13.46 16.34
N LEU B 83 -19.64 13.76 15.13
CA LEU B 83 -20.47 12.82 14.38
C LEU B 83 -19.65 11.64 13.89
N GLU B 84 -20.16 10.42 14.09
CA GLU B 84 -19.49 9.23 13.58
C GLU B 84 -19.85 9.05 12.11
N LEU B 85 -18.85 8.72 11.29
CA LEU B 85 -18.98 8.89 9.84
C LEU B 85 -19.20 7.60 9.05
N THR B 86 -19.21 6.44 9.70
CA THR B 86 -19.28 5.17 8.97
C THR B 86 -20.54 5.06 8.13
N PRO B 87 -21.74 5.38 8.63
CA PRO B 87 -22.91 5.35 7.75
C PRO B 87 -22.78 6.21 6.51
N ILE B 88 -22.31 7.46 6.67
CA ILE B 88 -22.18 8.36 5.52
C ILE B 88 -21.19 7.82 4.50
N LEU B 89 -20.07 7.27 4.98
CA LEU B 89 -19.07 6.75 4.06
C LEU B 89 -19.63 5.59 3.26
N ASN B 90 -20.37 4.70 3.93
CA ASN B 90 -21.04 3.60 3.22
C ASN B 90 -22.08 4.13 2.24
N GLU B 91 -22.89 5.10 2.68
CA GLU B 91 -23.87 5.71 1.78
C GLU B 91 -23.21 6.22 0.50
N LEU B 92 -22.10 6.97 0.65
CA LEU B 92 -21.43 7.60 -0.48
C LEU B 92 -20.42 6.69 -1.18
N GLY B 93 -20.20 5.48 -0.67
CA GLY B 93 -19.25 4.58 -1.26
C GLY B 93 -17.79 5.00 -1.14
N LEU B 94 -17.46 5.81 -0.14
CA LEU B 94 -16.12 6.37 0.01
C LEU B 94 -15.21 5.58 0.96
N LYS B 95 -15.73 4.60 1.71
CA LYS B 95 -14.96 4.03 2.80
C LYS B 95 -13.62 3.43 2.33
N ASP B 96 -13.57 2.84 1.13
CA ASP B 96 -12.31 2.30 0.61
C ASP B 96 -11.58 3.24 -0.34
N LYS B 97 -12.03 4.49 -0.47
CA LYS B 97 -11.28 5.50 -1.21
C LYS B 97 -10.25 6.21 -0.34
N PHE B 98 -10.26 5.98 0.97
CA PHE B 98 -9.28 6.55 1.88
C PHE B 98 -8.24 5.50 2.24
N PRO B 99 -7.00 5.61 1.77
CA PRO B 99 -5.97 4.63 2.18
C PRO B 99 -5.62 4.68 3.66
N ASN B 100 -5.90 5.78 4.37
CA ASN B 100 -5.41 5.91 5.75
C ASN B 100 -6.30 6.86 6.54
N LEU B 101 -7.09 6.32 7.45
CA LEU B 101 -7.96 7.08 8.34
C LEU B 101 -7.54 6.91 9.79
N GLN B 102 -6.33 6.39 10.05
CA GLN B 102 -5.98 5.96 11.40
CA GLN B 102 -5.99 5.95 11.41
C GLN B 102 -5.96 7.11 12.39
N GLU B 103 -5.57 8.33 11.94
CA GLU B 103 -5.58 9.45 12.88
C GLU B 103 -6.99 9.85 13.28
N PHE B 104 -7.98 9.58 12.43
CA PHE B 104 -9.38 9.91 12.70
C PHE B 104 -10.19 8.70 13.16
N THR B 105 -9.52 7.59 13.47
CA THR B 105 -10.14 6.34 13.90
C THR B 105 -10.01 6.21 15.42
N VAL B 106 -11.13 6.22 16.11
CA VAL B 106 -11.17 6.12 17.57
C VAL B 106 -12.04 4.92 17.92
N ASP B 107 -11.48 3.99 18.71
CA ASP B 107 -12.17 2.77 19.10
C ASP B 107 -12.86 2.11 17.90
N GLY B 108 -12.16 2.11 16.76
CA GLY B 108 -12.63 1.49 15.55
C GLY B 108 -13.64 2.27 14.75
N LYS B 109 -14.11 3.41 15.22
CA LYS B 109 -15.07 4.23 14.50
C LYS B 109 -14.38 5.46 13.93
N ILE B 110 -15.03 6.10 12.96
CA ILE B 110 -14.41 7.17 12.18
C ILE B 110 -15.07 8.50 12.53
N TYR B 111 -14.26 9.51 12.86
CA TYR B 111 -14.82 10.78 13.31
C TYR B 111 -14.30 12.01 12.56
N GLY B 112 -13.57 11.81 11.46
CA GLY B 112 -13.24 12.90 10.58
C GLY B 112 -12.56 12.32 9.36
N LEU B 113 -12.34 13.17 8.35
CA LEU B 113 -11.75 12.73 7.09
C LEU B 113 -10.60 13.63 6.68
N PRO B 114 -9.39 13.10 6.47
CA PRO B 114 -8.30 13.94 5.97
C PRO B 114 -8.63 14.46 4.57
N THR B 115 -8.28 15.72 4.30
CA THR B 115 -8.37 16.23 2.93
C THR B 115 -7.05 16.17 2.18
N ALA B 116 -5.93 15.95 2.88
CA ALA B 116 -4.61 15.96 2.27
C ALA B 116 -3.72 14.94 2.95
N TYR B 117 -2.65 14.57 2.23
CA TYR B 117 -1.49 13.93 2.80
C TYR B 117 -0.37 14.96 2.82
N PHE B 118 0.41 15.00 3.90
CA PHE B 118 1.54 15.93 4.02
C PHE B 118 2.85 15.18 4.25
N VAL B 119 3.95 15.81 3.86
CA VAL B 119 5.26 15.57 4.44
C VAL B 119 5.85 16.91 4.86
N GLU B 120 6.85 16.83 5.73
CA GLU B 120 7.65 17.96 6.13
C GLU B 120 9.10 17.65 5.82
N GLY B 121 9.85 18.64 5.36
CA GLY B 121 11.25 18.45 5.04
C GLY B 121 11.86 19.76 4.60
N VAL B 122 12.94 19.66 3.84
CA VAL B 122 13.78 20.80 3.53
C VAL B 122 13.51 21.19 2.09
N PHE B 123 12.82 22.31 1.89
CA PHE B 123 12.84 22.97 0.59
C PHE B 123 14.20 23.62 0.40
N TYR B 124 14.70 23.58 -0.83
CA TYR B 124 15.98 24.24 -1.11
C TYR B 124 15.98 24.83 -2.51
N ASN B 125 16.92 25.72 -2.73
CA ASN B 125 17.05 26.47 -3.96
C ASN B 125 18.25 25.90 -4.71
N LYS B 126 17.98 25.15 -5.79
CA LYS B 126 19.07 24.45 -6.49
C LYS B 126 20.06 25.43 -7.10
N GLN B 127 19.61 26.64 -7.46
CA GLN B 127 20.53 27.65 -7.98
C GLN B 127 21.55 28.04 -6.91
N ILE B 128 21.08 28.36 -5.70
CA ILE B 128 21.98 28.77 -4.63
C ILE B 128 22.99 27.66 -4.34
N PHE B 129 22.51 26.42 -4.28
CA PHE B 129 23.39 25.29 -4.02
C PHE B 129 24.51 25.18 -5.06
N LYS B 130 24.18 25.39 -6.32
CA LYS B 130 25.20 25.25 -7.33
C LYS B 130 26.17 26.43 -7.30
N GLN B 131 25.71 27.59 -6.83
CA GLN B 131 26.59 28.73 -6.62
C GLN B 131 27.55 28.49 -5.47
N LEU B 132 27.06 27.93 -4.37
CA LEU B 132 27.89 27.54 -3.23
C LEU B 132 28.78 26.35 -3.52
N ASN B 133 28.62 25.69 -4.67
CA ASN B 133 29.38 24.48 -5.03
C ASN B 133 29.16 23.36 -4.01
N VAL B 134 27.88 23.12 -3.65
CA VAL B 134 27.55 22.06 -2.71
C VAL B 134 26.48 21.14 -3.29
N ASP B 135 26.52 19.87 -2.86
CA ASP B 135 25.48 18.90 -3.19
C ASP B 135 24.42 18.88 -2.08
N VAL B 136 23.29 18.23 -2.36
CA VAL B 136 22.28 18.03 -1.31
C VAL B 136 22.93 17.35 -0.11
N PRO B 137 22.85 17.91 1.09
CA PRO B 137 23.48 17.27 2.26
C PRO B 137 22.74 16.01 2.66
N ARG B 138 23.46 14.89 2.74
CA ARG B 138 22.86 13.64 3.23
C ARG B 138 23.14 13.40 4.70
N ARG B 139 24.17 14.04 5.27
CA ARG B 139 24.54 13.92 6.67
CA ARG B 139 24.52 13.91 6.67
C ARG B 139 24.50 15.27 7.34
N TRP B 140 24.42 15.24 8.67
CA TRP B 140 24.52 16.46 9.48
C TRP B 140 25.82 17.20 9.21
N GLU B 141 26.95 16.48 9.13
CA GLU B 141 28.22 17.15 8.82
C GLU B 141 28.13 17.90 7.49
N ASP B 142 27.47 17.29 6.49
CA ASP B 142 27.29 17.97 5.21
C ASP B 142 26.46 19.22 5.36
N LEU B 143 25.40 19.15 6.16
CA LEU B 143 24.52 20.30 6.35
C LEU B 143 25.26 21.47 7.00
N MET B 144 26.17 21.17 7.92
CA MET B 144 26.95 22.22 8.54
C MET B 144 27.86 22.89 7.52
N ASP B 145 28.42 22.10 6.61
CA ASP B 145 29.21 22.64 5.52
C ASP B 145 28.37 23.54 4.62
N VAL B 146 27.16 23.10 4.27
CA VAL B 146 26.30 23.91 3.43
C VAL B 146 25.93 25.22 4.12
N ALA B 147 25.57 25.15 5.40
CA ALA B 147 25.10 26.35 6.07
C ALA B 147 26.25 27.33 6.29
N ALA B 148 27.43 26.82 6.62
CA ALA B 148 28.61 27.68 6.75
C ALA B 148 28.89 28.40 5.43
N LYS B 149 28.85 27.67 4.31
CA LYS B 149 29.11 28.29 3.01
C LYS B 149 27.97 29.23 2.62
N ALA B 150 26.73 28.84 2.89
CA ALA B 150 25.60 29.73 2.64
C ALA B 150 25.78 31.06 3.38
N LYS B 151 26.02 30.97 4.69
CA LYS B 151 26.17 32.19 5.48
C LYS B 151 27.34 33.04 5.01
N ALA B 152 28.46 32.38 4.64
CA ALA B 152 29.62 33.16 4.21
C ALA B 152 29.34 33.93 2.93
N SER B 153 28.42 33.42 2.09
CA SER B 153 28.09 34.12 0.86
C SER B 153 26.92 35.09 1.03
N GLY B 154 26.52 35.34 2.27
CA GLY B 154 25.45 36.28 2.55
C GLY B 154 24.04 35.71 2.45
N PHE B 155 23.89 34.39 2.34
CA PHE B 155 22.56 33.79 2.35
C PHE B 155 22.12 33.43 3.77
N VAL B 156 20.83 33.48 4.01
CA VAL B 156 20.26 32.84 5.20
C VAL B 156 20.25 31.33 4.95
N PRO B 157 20.85 30.51 5.82
CA PRO B 157 20.82 29.06 5.59
C PRO B 157 19.41 28.48 5.59
N PHE B 158 18.63 28.74 6.63
CA PHE B 158 17.22 28.35 6.75
C PHE B 158 16.33 29.58 6.96
N ALA B 159 15.52 29.91 5.95
CA ALA B 159 14.40 30.81 6.18
C ALA B 159 13.55 30.27 7.33
N PHE B 160 13.14 31.15 8.24
CA PHE B 160 12.59 30.70 9.50
C PHE B 160 11.81 31.83 10.15
N ALA B 161 10.67 31.48 10.71
CA ALA B 161 9.79 32.44 11.37
C ALA B 161 9.18 31.73 12.57
N SER B 162 9.16 32.39 13.72
CA SER B 162 8.81 31.72 14.96
C SER B 162 7.84 32.51 15.82
N SER B 163 7.31 33.64 15.33
CA SER B 163 6.26 34.31 16.08
C SER B 163 5.06 33.39 16.28
N ASP B 164 4.79 32.54 15.29
CA ASP B 164 3.79 31.49 15.43
C ASP B 164 4.51 30.26 15.98
N GLY B 165 4.18 29.88 17.22
CA GLY B 165 5.00 28.93 17.95
C GLY B 165 5.16 27.60 17.25
N TRP B 166 4.07 27.05 16.69
CA TRP B 166 4.13 25.71 16.11
C TRP B 166 5.18 25.61 15.01
N VAL B 167 5.44 26.72 14.30
CA VAL B 167 6.35 26.68 13.16
C VAL B 167 7.72 26.25 13.61
N ALA B 168 8.18 26.77 14.75
CA ALA B 168 9.48 26.42 15.27
C ALA B 168 9.58 24.93 15.54
N ASN B 169 8.45 24.26 15.84
CA ASN B 169 8.45 22.86 16.22
C ASN B 169 8.56 21.92 15.03
N MET B 170 8.43 22.43 13.81
CA MET B 170 8.48 21.56 12.64
C MET B 170 9.85 20.92 12.48
N MET B 171 10.88 21.74 12.26
CA MET B 171 12.22 21.17 12.19
C MET B 171 12.56 20.43 13.47
N LEU B 172 12.21 21.01 14.61
CA LEU B 172 12.52 20.39 15.89
C LEU B 172 12.01 18.96 15.90
N ASN B 173 10.81 18.73 15.37
CA ASN B 173 10.15 17.44 15.50
C ASN B 173 11.11 16.41 14.92
N THR B 174 11.47 16.74 13.69
CA THR B 174 12.30 15.85 12.86
C THR B 174 13.68 15.65 13.47
N LEU B 175 14.23 16.71 14.08
CA LEU B 175 15.55 16.59 14.67
C LEU B 175 15.55 15.67 15.89
N TRP B 176 14.56 15.77 16.81
CA TRP B 176 14.69 14.84 17.94
C TRP B 176 14.26 13.45 17.53
N VAL B 177 13.39 13.31 16.52
CA VAL B 177 13.10 11.98 15.97
C VAL B 177 14.37 11.39 15.34
N ARG B 178 15.14 12.21 14.62
CA ARG B 178 16.41 11.77 14.04
C ARG B 178 17.28 11.12 15.11
N THR B 179 17.38 11.77 16.27
CA THR B 179 18.32 11.32 17.30
C THR B 179 17.72 10.20 18.16
N ALA B 180 16.45 10.30 18.50
CA ALA B 180 15.85 9.38 19.46
C ALA B 180 14.97 8.30 18.82
N GLY B 181 14.67 8.39 17.52
CA GLY B 181 13.73 7.51 16.89
C GLY B 181 12.28 7.97 17.08
N ASP B 182 11.39 7.43 16.25
CA ASP B 182 10.02 7.96 16.22
C ASP B 182 9.16 7.47 17.40
N ASP B 183 9.45 6.26 17.93
CA ASP B 183 9.00 5.75 19.24
C ASP B 183 9.18 6.71 20.38
N SER B 184 10.06 7.68 20.32
CA SER B 184 10.19 8.61 21.44
C SER B 184 8.84 9.26 21.82
N VAL B 185 8.09 9.72 20.84
CA VAL B 185 6.90 10.53 21.09
C VAL B 185 5.79 9.69 21.69
N PRO B 186 5.36 8.56 21.12
CA PRO B 186 4.40 7.72 21.88
C PRO B 186 4.99 7.29 23.22
N GLY B 187 6.31 7.18 23.30
CA GLY B 187 6.96 6.91 24.58
C GLY B 187 6.70 7.98 25.63
N PHE B 188 6.77 9.27 25.24
CA PHE B 188 6.48 10.34 26.19
C PHE B 188 5.09 10.16 26.80
N VAL B 189 4.10 9.89 25.95
CA VAL B 189 2.72 9.72 26.40
C VAL B 189 2.57 8.43 27.21
N ARG B 190 3.25 7.37 26.79
CA ARG B 190 3.15 6.09 27.48
C ARG B 190 3.87 6.08 28.82
N GLY B 191 4.84 6.97 29.03
CA GLY B 191 5.65 6.94 30.23
C GLY B 191 6.96 6.20 30.09
N THR B 192 7.20 5.56 28.95
CA THR B 192 8.40 4.75 28.73
C THR B 192 9.59 5.54 28.18
N ARG B 193 9.40 6.80 27.78
CA ARG B 193 10.48 7.70 27.36
C ARG B 193 10.21 9.07 27.96
N ARG B 194 11.29 9.85 28.19
CA ARG B 194 11.22 11.21 28.75
C ARG B 194 11.81 12.21 27.77
N TRP B 195 11.30 13.44 27.83
CA TRP B 195 11.86 14.53 27.05
C TRP B 195 13.31 14.80 27.44
N THR B 196 13.66 14.54 28.70
CA THR B 196 15.00 14.78 29.21
C THR B 196 16.01 13.72 28.84
N ASP B 197 15.57 12.60 28.22
CA ASP B 197 16.49 11.51 27.91
C ASP B 197 17.61 11.99 26.99
N PRO B 198 18.82 11.41 27.14
CA PRO B 198 19.96 11.88 26.32
C PRO B 198 19.70 11.90 24.83
N ASP B 199 19.02 10.88 24.29
CA ASP B 199 18.85 10.81 22.84
C ASP B 199 17.90 11.90 22.35
N VAL B 200 16.86 12.22 23.13
CA VAL B 200 16.00 13.34 22.78
C VAL B 200 16.76 14.65 22.90
N ALA B 201 17.51 14.83 24.01
CA ALA B 201 18.25 16.07 24.23
C ALA B 201 19.23 16.34 23.08
N ASP B 202 19.84 15.28 22.55
CA ASP B 202 20.77 15.39 21.43
C ASP B 202 20.13 16.16 20.26
N GLY B 203 18.88 15.84 19.93
CA GLY B 203 18.22 16.53 18.84
C GLY B 203 17.92 17.98 19.17
N PHE B 204 17.48 18.25 20.40
CA PHE B 204 17.27 19.62 20.85
C PHE B 204 18.56 20.44 20.79
N LYS B 205 19.70 19.81 21.12
CA LYS B 205 20.98 20.53 21.12
C LYS B 205 21.46 20.84 19.71
N ARG B 206 21.18 19.94 18.76
CA ARG B 206 21.47 20.21 17.36
C ARG B 206 20.63 21.36 16.83
N TYR B 207 19.36 21.43 17.24
CA TYR B 207 18.50 22.55 16.88
C TYR B 207 19.01 23.85 17.50
N ASP B 208 19.44 23.78 18.76
CA ASP B 208 20.06 24.93 19.42
C ASP B 208 21.33 25.38 18.69
N THR B 209 22.16 24.44 18.24
CA THR B 209 23.35 24.82 17.47
C THR B 209 22.98 25.64 16.25
N LEU B 210 21.89 25.26 15.56
CA LEU B 210 21.42 26.01 14.39
C LEU B 210 21.00 27.42 14.75
N LEU B 211 20.33 27.58 15.90
CA LEU B 211 20.01 28.91 16.39
C LEU B 211 21.27 29.72 16.67
N LYS B 212 22.20 29.15 17.47
CA LYS B 212 23.37 29.89 17.96
C LYS B 212 24.31 30.32 16.83
N LYS B 213 24.42 29.51 15.79
CA LYS B 213 25.27 29.80 14.66
C LYS B 213 24.61 30.74 13.66
N GLY B 214 23.36 31.13 13.88
CA GLY B 214 22.70 31.97 12.90
C GLY B 214 22.27 31.24 11.65
N TYR B 215 22.13 29.92 11.72
CA TYR B 215 21.71 29.14 10.55
C TYR B 215 20.19 29.15 10.39
N LEU B 216 19.47 28.94 11.48
CA LEU B 216 18.05 29.32 11.53
C LEU B 216 17.96 30.84 11.53
N GLN B 217 17.15 31.40 10.61
CA GLN B 217 17.16 32.83 10.34
C GLN B 217 17.06 33.66 11.62
N GLU B 218 18.00 34.59 11.76
CA GLU B 218 17.99 35.51 12.88
C GLU B 218 16.76 36.40 12.85
N GLY B 219 16.27 36.76 14.04
CA GLY B 219 15.13 37.65 14.17
C GLY B 219 13.78 37.00 13.92
N SER B 220 13.70 35.67 14.02
CA SER B 220 12.50 34.94 13.60
C SER B 220 11.28 35.25 14.47
N LEU B 221 11.48 35.60 15.74
CA LEU B 221 10.35 35.84 16.63
C LEU B 221 9.50 37.03 16.19
N GLY B 222 10.04 37.92 15.38
CA GLY B 222 9.23 38.98 14.81
C GLY B 222 8.47 38.60 13.55
N GLN B 223 8.53 37.34 13.11
CA GLN B 223 8.02 36.93 11.81
CA GLN B 223 8.02 36.93 11.82
C GLN B 223 6.95 35.87 11.99
N LYS B 224 5.77 36.12 11.41
CA LYS B 224 4.72 35.12 11.37
C LYS B 224 5.02 34.09 10.29
N TYR B 225 4.29 32.97 10.35
CA TYR B 225 4.55 31.81 9.49
C TYR B 225 4.73 32.20 8.04
N ALA B 226 3.79 32.98 7.48
CA ALA B 226 3.86 33.32 6.07
C ALA B 226 5.18 34.00 5.72
N GLU B 227 5.76 34.75 6.66
CA GLU B 227 6.97 35.49 6.34
C GLU B 227 8.20 34.59 6.15
N GLN B 228 8.21 33.36 6.68
CA GLN B 228 9.41 32.55 6.43
C GLN B 228 9.48 32.11 4.97
N GLN B 229 8.32 31.98 4.31
CA GLN B 229 8.29 31.55 2.92
C GLN B 229 8.69 32.66 1.97
N TYR B 230 8.78 33.90 2.46
CA TYR B 230 9.13 35.06 1.63
C TYR B 230 10.64 35.22 1.49
N ALA B 231 11.40 35.01 2.55
CA ALA B 231 12.86 35.01 2.41
C ALA B 231 13.32 33.93 1.45
N PHE B 232 12.70 32.75 1.52
CA PHE B 232 13.04 31.66 0.61
C PHE B 232 12.63 32.00 -0.83
N ARG B 233 11.39 32.49 -0.98
CA ARG B 233 10.84 32.82 -2.27
C ARG B 233 11.66 33.91 -2.97
N GLU B 234 12.26 34.79 -2.19
CA GLU B 234 13.00 35.91 -2.73
C GLU B 234 14.46 35.57 -3.02
N GLY B 235 14.88 34.33 -2.80
CA GLY B 235 16.25 33.97 -3.07
C GLY B 235 17.24 34.41 -2.01
N ARG B 236 16.77 34.82 -0.84
CA ARG B 236 17.68 35.21 0.23
C ARG B 236 18.06 34.04 1.13
N ALA B 237 17.38 32.90 1.00
CA ALA B 237 17.59 31.75 1.87
C ALA B 237 17.94 30.53 1.04
N ALA B 238 18.92 29.76 1.52
CA ALA B 238 19.32 28.57 0.79
C ALA B 238 18.29 27.45 0.93
N MET B 239 17.72 27.28 2.13
CA MET B 239 16.83 26.18 2.46
C MET B 239 15.67 26.72 3.29
N MET B 240 14.64 25.89 3.46
CA MET B 240 13.51 26.22 4.32
C MET B 240 12.77 24.95 4.72
N PHE B 241 12.76 24.64 6.02
CA PHE B 241 12.02 23.47 6.51
C PHE B 241 10.56 23.84 6.63
N ASP B 242 9.69 23.06 5.99
CA ASP B 242 8.26 23.38 5.95
C ASP B 242 7.51 22.16 5.45
N GLY B 243 6.18 22.23 5.54
CA GLY B 243 5.33 21.15 5.06
C GLY B 243 4.95 21.29 3.59
N SER B 244 4.39 20.20 3.04
CA SER B 244 4.09 20.15 1.60
C SER B 244 2.97 21.12 1.21
N TRP B 245 2.09 21.46 2.16
CA TRP B 245 1.05 22.45 1.91
C TRP B 245 1.61 23.81 1.53
N ALA B 246 2.91 24.06 1.78
CA ALA B 246 3.55 25.33 1.44
C ALA B 246 3.82 25.49 -0.04
N SER B 247 3.73 24.40 -0.82
CA SER B 247 3.81 24.53 -2.26
C SER B 247 2.75 25.49 -2.80
N ALA B 248 1.57 25.49 -2.17
CA ALA B 248 0.51 26.42 -2.52
C ALA B 248 1.08 27.83 -2.73
N ALA B 249 2.04 28.24 -1.90
CA ALA B 249 2.57 29.61 -1.91
C ALA B 249 3.94 29.75 -2.55
N LEU B 250 4.60 28.66 -2.93
CA LEU B 250 5.85 28.80 -3.66
C LEU B 250 5.62 28.81 -5.17
N VAL B 251 4.43 29.25 -5.58
CA VAL B 251 4.06 29.39 -6.99
C VAL B 251 3.59 30.84 -7.26
N THR B 256 8.56 31.21 -13.18
CA THR B 256 9.58 32.14 -12.69
C THR B 256 10.93 31.42 -12.58
N LYS B 257 12.03 32.16 -12.42
CA LYS B 257 13.34 31.51 -12.36
C LYS B 257 13.50 30.71 -11.06
N ILE B 258 13.02 31.25 -9.93
CA ILE B 258 13.13 30.49 -8.69
C ILE B 258 12.33 29.18 -8.78
N ALA B 259 11.12 29.23 -9.36
CA ALA B 259 10.29 28.03 -9.44
C ALA B 259 11.03 26.86 -10.07
N GLU B 260 11.91 27.11 -11.03
CA GLU B 260 12.68 26.01 -11.63
C GLU B 260 13.72 25.47 -10.67
N ASP B 261 14.23 26.31 -9.76
CA ASP B 261 15.33 25.92 -8.91
C ASP B 261 14.89 25.40 -7.53
N ILE B 262 13.59 25.34 -7.24
CA ILE B 262 13.15 24.87 -5.93
C ILE B 262 12.96 23.36 -5.95
N GLY B 263 13.65 22.68 -5.04
CA GLY B 263 13.52 21.24 -4.86
C GLY B 263 13.25 20.92 -3.42
N PHE B 264 13.30 19.64 -3.05
CA PHE B 264 12.90 19.22 -1.73
C PHE B 264 13.70 17.98 -1.37
N PHE B 265 14.25 17.91 -0.16
CA PHE B 265 14.93 16.71 0.28
C PHE B 265 14.62 16.45 1.74
N SER B 266 14.65 15.16 2.10
CA SER B 266 14.50 14.75 3.49
C SER B 266 15.67 15.26 4.33
N PHE B 267 15.38 15.58 5.58
CA PHE B 267 16.36 16.16 6.46
C PHE B 267 17.56 15.22 6.61
N PRO B 268 18.79 15.74 6.63
CA PRO B 268 19.98 14.86 6.70
C PRO B 268 19.96 13.90 7.87
N ASP B 269 20.65 12.78 7.69
CA ASP B 269 20.78 11.81 8.78
C ASP B 269 21.83 12.33 9.76
N VAL B 270 21.71 11.89 11.01
CA VAL B 270 22.60 12.31 12.07
C VAL B 270 23.37 11.16 12.69
N GLY B 271 23.09 9.92 12.29
CA GLY B 271 23.59 8.77 13.01
C GLY B 271 22.75 8.33 14.18
N GLY B 272 21.48 8.74 14.23
CA GLY B 272 20.62 8.47 15.37
C GLY B 272 19.55 7.44 15.04
N LYS B 273 18.73 7.14 16.05
CA LYS B 273 17.79 6.02 15.92
C LYS B 273 16.67 6.28 14.92
N GLY B 274 16.52 7.51 14.40
CA GLY B 274 15.46 7.81 13.45
C GLY B 274 15.99 8.33 12.13
N ASP B 275 17.17 7.86 11.75
CA ASP B 275 17.72 8.21 10.44
C ASP B 275 16.86 7.65 9.33
N GLY B 276 16.85 8.35 8.19
CA GLY B 276 16.15 7.87 7.02
C GLY B 276 14.64 7.90 7.09
N MET B 277 14.05 8.54 8.07
CA MET B 277 12.60 8.62 8.22
C MET B 277 12.14 10.01 7.83
N ILE B 278 10.89 10.13 7.38
CA ILE B 278 10.34 11.45 7.05
C ILE B 278 9.04 11.66 7.81
N ASN B 279 8.85 12.88 8.31
CA ASN B 279 7.60 13.28 8.95
C ASN B 279 6.50 13.40 7.89
N GLY B 280 5.43 12.60 8.03
CA GLY B 280 4.34 12.67 7.07
C GLY B 280 3.10 11.98 7.58
N GLY B 281 1.98 12.22 6.91
CA GLY B 281 0.78 11.47 7.23
C GLY B 281 -0.49 12.14 6.74
N TYR B 282 -1.61 11.67 7.28
CA TYR B 282 -2.98 12.07 6.93
C TYR B 282 -3.61 12.67 8.18
N SER B 283 -3.29 13.93 8.45
CA SER B 283 -3.52 14.51 9.76
C SER B 283 -4.67 15.52 9.80
N ASN B 284 -5.01 16.15 8.68
CA ASN B 284 -5.84 17.35 8.71
C ASN B 284 -6.95 17.23 7.69
N GLY B 285 -8.18 17.43 8.14
CA GLY B 285 -9.34 17.39 7.29
C GLY B 285 -10.50 18.09 7.94
N TYR B 286 -11.69 17.48 7.88
CA TYR B 286 -12.86 18.06 8.50
C TYR B 286 -13.54 17.04 9.40
N GLY B 287 -14.13 17.57 10.48
CA GLY B 287 -15.01 16.80 11.34
C GLY B 287 -16.34 17.53 11.43
N PHE B 288 -17.33 16.85 12.01
CA PHE B 288 -18.69 17.33 11.93
C PHE B 288 -19.35 17.21 13.29
N SER B 289 -20.14 18.22 13.66
CA SER B 289 -20.74 18.26 14.98
C SER B 289 -21.72 17.09 15.16
N ALA B 290 -21.63 16.42 16.32
CA ALA B 290 -22.54 15.33 16.61
C ALA B 290 -23.99 15.79 16.70
N SER B 291 -24.26 17.09 16.73
CA SER B 291 -25.59 17.61 17.00
C SER B 291 -26.32 18.13 15.75
N LEU B 292 -26.02 17.60 14.57
CA LEU B 292 -26.67 18.06 13.35
C LEU B 292 -28.11 17.56 13.26
N ASN B 293 -29.05 18.49 13.04
CA ASN B 293 -30.39 18.11 12.63
C ASN B 293 -30.36 17.60 11.19
N GLU B 294 -31.50 17.10 10.70
CA GLU B 294 -31.44 16.41 9.41
C GLU B 294 -31.17 17.36 8.25
N ARG B 295 -31.61 18.61 8.34
CA ARG B 295 -31.24 19.59 7.32
C ARG B 295 -29.73 19.91 7.38
N GLU B 296 -29.16 19.98 8.58
CA GLU B 296 -27.71 20.20 8.69
C GLU B 296 -26.94 18.97 8.24
N LYS B 297 -27.47 17.77 8.50
CA LYS B 297 -26.77 16.56 8.12
C LYS B 297 -26.75 16.38 6.60
N LYS B 298 -27.87 16.67 5.94
CA LYS B 298 -27.88 16.68 4.47
C LYS B 298 -26.79 17.60 3.94
N ALA B 299 -26.71 18.80 4.51
CA ALA B 299 -25.66 19.74 4.13
C ALA B 299 -24.29 19.13 4.38
N ALA B 300 -24.13 18.41 5.50
CA ALA B 300 -22.85 17.79 5.80
C ALA B 300 -22.54 16.68 4.81
N VAL B 301 -23.55 15.91 4.42
CA VAL B 301 -23.33 14.83 3.47
C VAL B 301 -22.95 15.39 2.10
N GLU B 302 -23.57 16.51 1.72
CA GLU B 302 -23.23 17.16 0.46
C GLU B 302 -21.82 17.74 0.51
N PHE B 303 -21.43 18.32 1.64
CA PHE B 303 -20.03 18.72 1.82
C PHE B 303 -19.11 17.53 1.62
N ILE B 304 -19.37 16.42 2.30
CA ILE B 304 -18.50 15.26 2.18
C ILE B 304 -18.48 14.76 0.74
N LYS B 305 -19.65 14.69 0.11
CA LYS B 305 -19.74 14.20 -1.27
C LYS B 305 -18.85 15.01 -2.20
N ILE B 306 -18.92 16.35 -2.11
CA ILE B 306 -18.13 17.20 -3.01
C ILE B 306 -16.66 17.25 -2.56
N MET B 307 -16.40 17.59 -1.30
CA MET B 307 -15.02 17.75 -0.85
C MET B 307 -14.20 16.49 -1.08
N TYR B 308 -14.74 15.33 -0.74
CA TYR B 308 -13.97 14.08 -0.82
C TYR B 308 -14.34 13.32 -2.10
N SER B 309 -13.98 13.95 -3.22
CA SER B 309 -14.22 13.42 -4.55
C SER B 309 -12.93 13.47 -5.36
N GLU B 310 -12.93 12.72 -6.46
CA GLU B 310 -11.88 12.88 -7.46
C GLU B 310 -11.77 14.32 -7.91
N GLU B 311 -12.91 14.98 -8.13
CA GLU B 311 -12.91 16.32 -8.70
C GLU B 311 -12.12 17.29 -7.82
N MET B 312 -12.45 17.36 -6.53
CA MET B 312 -11.82 18.34 -5.67
C MET B 312 -10.41 17.93 -5.24
N GLN B 313 -10.17 16.63 -5.06
CA GLN B 313 -8.81 16.19 -4.75
C GLN B 313 -7.85 16.48 -5.89
N LYS B 314 -8.26 16.22 -7.14
CA LYS B 314 -7.43 16.57 -8.29
C LYS B 314 -7.29 18.09 -8.43
N ARG B 315 -8.38 18.83 -8.18
CA ARG B 315 -8.34 20.28 -8.31
C ARG B 315 -7.27 20.90 -7.41
N GLN B 316 -7.28 20.55 -6.13
CA GLN B 316 -6.33 21.17 -5.20
C GLN B 316 -4.90 20.71 -5.48
N LEU B 317 -4.73 19.52 -6.06
CA LEU B 317 -3.39 19.10 -6.44
C LEU B 317 -2.90 19.89 -7.64
N LYS B 318 -3.68 19.94 -8.70
CA LYS B 318 -3.33 20.73 -9.89
C LYS B 318 -3.17 22.22 -9.56
N GLU B 319 -4.10 22.78 -8.79
CA GLU B 319 -4.06 24.23 -8.54
C GLU B 319 -3.00 24.59 -7.51
N SER B 320 -2.93 23.86 -6.41
CA SER B 320 -2.14 24.29 -5.27
C SER B 320 -1.08 23.29 -4.85
N GLY B 321 -0.94 22.17 -5.57
CA GLY B 321 0.03 21.18 -5.20
C GLY B 321 -0.29 20.41 -3.94
N ILE B 322 -1.54 20.42 -3.48
CA ILE B 322 -1.88 19.69 -2.26
C ILE B 322 -1.98 18.19 -2.56
N LEU B 323 -1.19 17.40 -1.85
CA LEU B 323 -1.16 15.96 -2.09
C LEU B 323 -2.46 15.31 -1.60
N PRO B 324 -3.08 14.45 -2.40
CA PRO B 324 -4.41 13.93 -2.04
C PRO B 324 -4.36 12.99 -0.85
N ALA B 325 -5.43 13.03 -0.05
CA ALA B 325 -5.63 12.01 0.97
C ALA B 325 -6.32 10.77 0.42
N MET B 326 -6.89 10.85 -0.78
CA MET B 326 -7.58 9.72 -1.38
C MET B 326 -6.85 9.23 -2.64
N LYS B 327 -7.23 8.01 -3.04
CA LYS B 327 -6.65 7.37 -4.21
C LYS B 327 -7.15 8.08 -5.47
N LEU B 328 -6.21 8.52 -6.30
CA LEU B 328 -6.51 9.31 -7.50
C LEU B 328 -6.07 8.58 -8.75
N SER B 329 -6.83 8.79 -9.83
CA SER B 329 -6.54 8.11 -11.08
C SER B 329 -5.20 8.54 -11.68
N ASP B 330 -4.81 9.81 -11.52
CA ASP B 330 -3.70 10.34 -12.32
C ASP B 330 -2.47 10.72 -11.51
N LEU B 331 -2.52 11.89 -10.87
CA LEU B 331 -1.34 12.58 -10.32
C LEU B 331 -0.40 13.01 -11.45
N SER B 332 -0.87 13.97 -12.23
CA SER B 332 -0.15 14.40 -13.42
C SER B 332 -0.39 15.88 -13.65
N GLY B 333 0.53 16.49 -14.38
CA GLY B 333 0.51 17.93 -14.58
C GLY B 333 0.88 18.66 -13.31
N VAL B 334 2.04 18.31 -12.77
CA VAL B 334 2.42 18.68 -11.42
C VAL B 334 3.79 19.34 -11.47
N HIS B 335 4.01 20.34 -10.61
CA HIS B 335 5.30 21.01 -10.59
C HIS B 335 6.39 20.06 -10.09
N PRO B 336 7.63 20.20 -10.60
CA PRO B 336 8.68 19.26 -10.18
C PRO B 336 8.86 19.13 -8.67
N VAL B 337 8.72 20.20 -7.90
CA VAL B 337 8.96 20.05 -6.46
C VAL B 337 7.90 19.18 -5.81
N ILE B 338 6.68 19.16 -6.35
CA ILE B 338 5.70 18.22 -5.84
C ILE B 338 6.16 16.79 -6.10
N ARG B 339 6.66 16.52 -7.32
CA ARG B 339 7.21 15.20 -7.61
C ARG B 339 8.33 14.85 -6.65
N GLU B 340 9.14 15.84 -6.26
CA GLU B 340 10.22 15.57 -5.31
C GLU B 340 9.67 15.23 -3.94
N MET B 341 8.60 15.90 -3.52
CA MET B 341 7.96 15.56 -2.25
C MET B 341 7.34 14.17 -2.28
N ILE B 342 6.63 13.84 -3.36
CA ILE B 342 6.04 12.51 -3.51
C ILE B 342 7.13 11.45 -3.48
N GLN B 343 8.21 11.69 -4.23
CA GLN B 343 9.39 10.82 -4.16
C GLN B 343 9.87 10.63 -2.72
N ALA B 344 10.05 11.73 -1.98
CA ALA B 344 10.52 11.60 -0.61
C ALA B 344 9.51 10.88 0.28
N SER B 345 8.24 10.88 -0.08
CA SER B 345 7.25 10.19 0.73
C SER B 345 7.40 8.67 0.70
N GLU B 346 8.32 8.13 -0.11
CA GLU B 346 8.58 6.69 -0.06
C GLU B 346 9.27 6.29 1.23
N LEU B 347 9.85 7.25 1.95
CA LEU B 347 10.60 6.93 3.15
C LEU B 347 9.66 6.49 4.27
N ARG B 348 10.17 5.64 5.16
CA ARG B 348 9.45 5.29 6.39
C ARG B 348 9.01 6.56 7.14
N GLN B 349 7.75 6.59 7.53
CA GLN B 349 7.09 7.79 8.01
C GLN B 349 6.82 7.77 9.51
N PHE B 350 6.64 8.97 10.06
CA PHE B 350 6.20 9.19 11.42
C PHE B 350 5.29 10.41 11.39
N PRO B 351 4.25 10.43 12.21
CA PRO B 351 3.31 11.55 12.22
C PRO B 351 3.87 12.72 13.00
N ALA B 352 3.24 13.88 12.87
CA ALA B 352 3.64 15.03 13.67
C ALA B 352 3.37 14.76 15.15
N PHE B 353 4.30 15.23 16.00
CA PHE B 353 4.23 14.99 17.43
C PHE B 353 2.90 15.47 18.02
N ASP B 354 2.29 16.51 17.43
CA ASP B 354 1.06 17.05 17.99
C ASP B 354 -0.15 16.16 17.70
N SER B 355 -0.01 15.13 16.87
CA SER B 355 -1.09 14.15 16.79
C SER B 355 -1.04 13.18 17.96
N ILE B 356 0.10 13.11 18.65
CA ILE B 356 0.33 12.11 19.69
C ILE B 356 0.31 12.71 21.09
N VAL B 357 0.95 13.86 21.30
CA VAL B 357 1.01 14.43 22.65
C VAL B 357 -0.26 15.23 22.93
N GLN B 358 -0.57 15.36 24.21
CA GLN B 358 -1.68 16.17 24.69
C GLN B 358 -1.45 17.65 24.36
N ALA B 359 -2.56 18.39 24.23
CA ALA B 359 -2.48 19.79 23.80
C ALA B 359 -1.63 20.64 24.74
N LYS B 360 -1.67 20.35 26.04
CA LYS B 360 -0.91 21.16 27.00
C LYS B 360 0.59 20.95 26.83
N VAL B 361 1.00 19.74 26.48
CA VAL B 361 2.40 19.44 26.19
C VAL B 361 2.84 20.18 24.92
N ARG B 362 2.01 20.10 23.87
CA ARG B 362 2.28 20.85 22.64
C ARG B 362 2.42 22.34 22.91
N GLU B 363 1.50 22.89 23.71
CA GLU B 363 1.52 24.32 24.02
C GLU B 363 2.77 24.69 24.80
N THR B 364 3.20 23.81 25.72
CA THR B 364 4.40 24.09 26.49
C THR B 364 5.64 24.08 25.61
N LEU B 365 5.66 23.20 24.61
CA LEU B 365 6.79 23.16 23.69
C LEU B 365 6.89 24.44 22.90
N GLU B 366 5.75 24.91 22.37
CA GLU B 366 5.73 26.16 21.62
C GLU B 366 6.26 27.31 22.46
N MET B 367 5.79 27.44 23.69
CA MET B 367 6.26 28.52 24.56
C MET B 367 7.72 28.35 24.92
N CYS B 368 8.13 27.13 25.29
CA CYS B 368 9.53 26.90 25.65
C CYS B 368 10.46 27.25 24.50
N MET B 369 10.09 26.88 23.28
CA MET B 369 10.97 27.07 22.14
C MET B 369 11.10 28.55 21.79
N GLN B 370 9.99 29.28 21.89
CA GLN B 370 10.08 30.73 21.71
C GLN B 370 11.00 31.36 22.75
N GLU B 371 10.92 30.87 24.00
CA GLU B 371 11.83 31.37 25.02
C GLU B 371 13.28 30.99 24.70
N LEU B 372 13.50 29.78 24.19
CA LEU B 372 14.85 29.37 23.79
C LEU B 372 15.37 30.27 22.66
N ILE B 373 14.56 30.47 21.61
CA ILE B 373 14.93 31.35 20.52
C ILE B 373 15.18 32.78 21.02
N GLY B 374 14.43 33.21 22.04
CA GLY B 374 14.61 34.53 22.59
C GLY B 374 15.75 34.66 23.57
N GLY B 375 16.50 33.59 23.81
CA GLY B 375 17.63 33.61 24.72
C GLY B 375 17.25 33.65 26.18
N ARG B 376 16.00 33.28 26.52
CA ARG B 376 15.53 33.37 27.89
C ARG B 376 15.41 32.01 28.55
N MET B 377 15.65 30.93 27.82
CA MET B 377 15.72 29.59 28.40
C MET B 377 16.81 28.83 27.68
N THR B 378 17.49 27.94 28.42
CA THR B 378 18.42 26.99 27.83
C THR B 378 17.68 25.72 27.38
N VAL B 379 18.40 24.88 26.63
CA VAL B 379 17.86 23.59 26.22
C VAL B 379 17.52 22.73 27.44
N GLU B 380 18.38 22.77 28.47
CA GLU B 380 18.10 21.96 29.67
C GLU B 380 16.84 22.44 30.39
N GLN B 381 16.63 23.75 30.45
CA GLN B 381 15.40 24.26 31.04
C GLN B 381 14.19 23.82 30.23
N VAL B 382 14.32 23.82 28.89
CA VAL B 382 13.18 23.44 28.03
C VAL B 382 12.80 21.98 28.29
N LEU B 383 13.79 21.09 28.29
CA LEU B 383 13.50 19.68 28.45
C LEU B 383 12.98 19.38 29.85
N ASP B 384 13.50 20.09 30.86
CA ASP B 384 12.97 19.91 32.21
C ASP B 384 11.51 20.32 32.29
N LYS B 385 11.15 21.46 31.72
CA LYS B 385 9.75 21.90 31.74
C LYS B 385 8.85 20.95 30.96
N MET B 386 9.33 20.47 29.80
CA MET B 386 8.54 19.54 28.98
C MET B 386 8.24 18.24 29.74
N GLN B 387 9.22 17.68 30.44
CA GLN B 387 8.96 16.41 31.10
C GLN B 387 7.97 16.56 32.25
N LYS B 388 7.96 17.73 32.91
CA LYS B 388 7.03 17.97 34.02
C LYS B 388 5.61 18.13 33.51
N VAL B 389 5.43 18.87 32.42
CA VAL B 389 4.11 18.97 31.81
C VAL B 389 3.70 17.60 31.27
N GLN B 390 4.67 16.82 30.79
CA GLN B 390 4.37 15.49 30.28
C GLN B 390 3.90 14.56 31.39
N GLU B 391 4.64 14.53 32.49
CA GLU B 391 4.22 13.71 33.62
C GLU B 391 2.87 14.15 34.16
N ASP B 392 2.62 15.46 34.29
CA ASP B 392 1.29 15.93 34.67
C ASP B 392 0.23 15.47 33.67
N ALA B 393 0.48 15.69 32.39
CA ALA B 393 -0.50 15.30 31.38
C ALA B 393 -0.77 13.80 31.39
N ASN B 394 0.23 12.98 31.71
CA ASN B 394 0.02 11.53 31.75
C ASN B 394 -0.84 11.13 32.94
N ARG B 395 -0.67 11.81 34.09
CA ARG B 395 -1.58 11.60 35.21
C ARG B 395 -3.02 11.83 34.81
N ASP B 396 -3.26 12.88 34.03
CA ASP B 396 -4.62 13.24 33.64
C ASP B 396 -5.25 12.17 32.75
N MET B 397 -4.48 11.60 31.81
CA MET B 397 -5.04 10.59 30.91
C MET B 397 -5.37 9.30 31.63
N LYS B 398 -4.55 8.89 32.60
CA LYS B 398 -4.76 7.67 33.38
C LYS B 398 -6.18 7.55 33.95
#